data_4PGM
#
_entry.id   4PGM
#
_cell.length_a   81.467
_cell.length_b   84.555
_cell.length_c   88.884
_cell.angle_alpha   90.00
_cell.angle_beta   111.72
_cell.angle_gamma   90.00
#
_symmetry.space_group_name_H-M   'P 1 21 1'
#
loop_
_entity.id
_entity.type
_entity.pdbx_description
1 polymer 'PHOSPHOGLYCERATE MUTASE 1'
2 water water
#
_entity_poly.entity_id   1
_entity_poly.type   'polypeptide(L)'
_entity_poly.pdbx_seq_one_letter_code
;PKLVLVRHGQSEWNEKNLFTGWVDVKLSAKGQQEAARAGELLKEKKVYPDVLYTSKLSRAIQTANIALEKADRLWIPVNR
SWRLNERHYGDLQGKDKAETLKKFGEEKFNTYRRSFDVPPPPIDASSPFSQKGDERYKYVDPNVLPETESLALVIDRLLP
YWQDVIAKDLLSGKTVMIAAHGNSLRGLVKHLEGISDADIAKLNIPTGIPLVFELDENLKPSKPSYYLDPEAAAAGAAAV
ANQGKK
;
_entity_poly.pdbx_strand_id   A,B,C,D
#
# COMPACT_ATOMS: atom_id res chain seq x y z
N PRO A 1 2.47 18.10 13.63
CA PRO A 1 2.23 17.88 12.19
C PRO A 1 2.67 19.11 11.42
N LYS A 2 3.32 18.89 10.28
CA LYS A 2 3.78 19.98 9.42
C LYS A 2 3.38 19.69 7.96
N LEU A 3 2.62 20.62 7.35
CA LEU A 3 2.17 20.47 5.97
C LEU A 3 2.74 21.61 5.14
N VAL A 4 3.24 21.31 3.95
CA VAL A 4 3.80 22.32 3.06
C VAL A 4 3.07 22.24 1.73
N LEU A 5 2.38 23.33 1.36
CA LEU A 5 1.64 23.39 0.11
C LEU A 5 2.44 24.15 -0.92
N VAL A 6 2.29 23.77 -2.18
CA VAL A 6 3.01 24.42 -3.26
C VAL A 6 2.15 24.44 -4.49
N ARG A 7 1.71 25.63 -4.88
CA ARG A 7 0.88 25.78 -6.08
C ARG A 7 1.78 25.91 -7.31
N HIS A 8 1.49 25.14 -8.35
CA HIS A 8 2.32 25.20 -9.53
C HIS A 8 2.28 26.56 -10.21
N GLY A 9 3.34 26.87 -10.95
CA GLY A 9 3.42 28.13 -11.67
C GLY A 9 2.64 28.09 -12.97
N GLN A 10 3.01 28.93 -13.91
CA GLN A 10 2.31 29.02 -15.18
C GLN A 10 2.43 27.85 -16.15
N SER A 11 1.30 27.52 -16.78
CA SER A 11 1.27 26.44 -17.77
C SER A 11 1.32 27.09 -19.15
N GLU A 12 1.50 26.32 -20.21
CA GLU A 12 1.52 26.91 -21.54
C GLU A 12 0.11 27.32 -22.02
N TRP A 13 -0.90 27.02 -21.21
CA TRP A 13 -2.25 27.41 -21.54
C TRP A 13 -2.62 28.73 -20.88
N ASN A 14 -2.22 28.91 -19.63
CA ASN A 14 -2.48 30.16 -18.93
C ASN A 14 -1.73 31.23 -19.75
N GLU A 15 -0.51 30.86 -20.16
CA GLU A 15 0.40 31.66 -20.97
C GLU A 15 -0.25 32.15 -22.28
N LYS A 16 -1.15 31.32 -22.82
CA LYS A 16 -1.88 31.58 -24.04
C LYS A 16 -3.34 31.96 -23.77
N ASN A 17 -3.63 32.39 -22.54
CA ASN A 17 -4.98 32.84 -22.17
C ASN A 17 -6.08 31.80 -22.31
N LEU A 18 -5.80 30.58 -21.86
CA LEU A 18 -6.78 29.50 -21.95
C LEU A 18 -7.12 28.94 -20.58
N PHE A 19 -8.40 28.65 -20.34
CA PHE A 19 -8.81 28.07 -19.06
C PHE A 19 -8.25 26.64 -19.12
N THR A 20 -7.82 26.09 -17.99
CA THR A 20 -7.26 24.74 -18.01
C THR A 20 -8.12 23.67 -17.34
N GLY A 21 -8.41 23.87 -16.06
CA GLY A 21 -9.22 22.92 -15.33
C GLY A 21 -8.49 21.60 -15.22
N TRP A 22 -9.10 20.57 -15.80
CA TRP A 22 -8.60 19.20 -15.79
C TRP A 22 -7.84 18.78 -17.02
N VAL A 23 -7.61 19.69 -17.96
CA VAL A 23 -6.84 19.33 -19.15
C VAL A 23 -5.40 19.21 -18.64
N ASP A 24 -4.66 18.23 -19.16
CA ASP A 24 -3.30 18.00 -18.69
C ASP A 24 -2.23 18.80 -19.41
N VAL A 25 -2.41 20.12 -19.36
CA VAL A 25 -1.49 21.03 -20.01
C VAL A 25 -0.14 21.04 -19.32
N LYS A 26 0.88 21.22 -20.14
CA LYS A 26 2.26 21.23 -19.71
C LYS A 26 2.57 22.53 -18.95
N LEU A 27 3.63 22.50 -18.17
CA LEU A 27 4.10 23.65 -17.41
C LEU A 27 5.04 24.45 -18.35
N SER A 28 4.90 25.77 -18.36
CA SER A 28 5.70 26.65 -19.20
C SER A 28 7.08 26.84 -18.59
N ALA A 29 8.03 27.29 -19.41
CA ALA A 29 9.41 27.53 -18.96
C ALA A 29 9.44 28.44 -17.74
N LYS A 30 8.44 29.29 -17.62
CA LYS A 30 8.33 30.20 -16.48
C LYS A 30 7.88 29.45 -15.22
N GLY A 31 6.98 28.48 -15.41
CA GLY A 31 6.50 27.68 -14.29
C GLY A 31 7.63 26.84 -13.75
N GLN A 32 8.39 26.25 -14.68
CA GLN A 32 9.54 25.41 -14.36
C GLN A 32 10.57 26.17 -13.49
N GLN A 33 10.70 27.46 -13.70
CA GLN A 33 11.63 28.27 -12.90
C GLN A 33 11.08 28.51 -11.50
N GLU A 34 9.77 28.77 -11.41
CA GLU A 34 9.10 29.01 -10.11
C GLU A 34 9.19 27.75 -9.23
N ALA A 35 9.16 26.59 -9.87
CA ALA A 35 9.25 25.35 -9.13
C ALA A 35 10.66 25.23 -8.55
N ALA A 36 11.68 25.51 -9.35
CA ALA A 36 13.06 25.44 -8.85
C ALA A 36 13.22 26.42 -7.68
N ARG A 37 12.49 27.54 -7.76
CA ARG A 37 12.50 28.55 -6.70
C ARG A 37 11.80 27.97 -5.47
N ALA A 38 10.70 27.25 -5.71
CA ALA A 38 9.97 26.62 -4.61
C ALA A 38 10.87 25.61 -3.90
N GLY A 39 11.62 24.83 -4.69
CA GLY A 39 12.55 23.86 -4.12
C GLY A 39 13.68 24.54 -3.36
N GLU A 40 14.11 25.69 -3.87
CA GLU A 40 15.18 26.44 -3.25
C GLU A 40 14.75 26.97 -1.88
N LEU A 41 13.53 27.50 -1.80
CA LEU A 41 12.94 28.03 -0.57
C LEU A 41 12.83 26.91 0.46
N LEU A 42 12.37 25.75 -0.01
CA LEU A 42 12.23 24.58 0.85
C LEU A 42 13.59 24.28 1.51
N LYS A 43 14.63 24.22 0.70
CA LYS A 43 15.96 23.94 1.21
C LYS A 43 16.50 25.05 2.12
N GLU A 44 16.41 26.28 1.64
CA GLU A 44 16.90 27.44 2.36
C GLU A 44 16.26 27.63 3.74
N LYS A 45 14.94 27.45 3.82
CA LYS A 45 14.25 27.64 5.08
C LYS A 45 14.19 26.39 5.98
N LYS A 46 14.68 25.26 5.46
CA LYS A 46 14.74 23.96 6.16
C LYS A 46 13.39 23.28 6.31
N VAL A 47 12.64 23.26 5.22
CA VAL A 47 11.34 22.61 5.21
C VAL A 47 11.58 21.29 4.51
N TYR A 48 11.78 20.25 5.31
CA TYR A 48 12.09 18.92 4.78
C TYR A 48 10.92 17.98 4.67
N PRO A 49 10.26 17.96 3.50
CA PRO A 49 9.13 17.05 3.36
C PRO A 49 9.58 15.61 3.49
N ASP A 50 8.73 14.77 4.08
CA ASP A 50 9.02 13.36 4.26
C ASP A 50 8.23 12.56 3.24
N VAL A 51 7.10 13.11 2.81
CA VAL A 51 6.24 12.43 1.83
C VAL A 51 5.71 13.50 0.86
N LEU A 52 5.40 13.09 -0.37
CA LEU A 52 4.90 13.99 -1.35
C LEU A 52 3.53 13.58 -1.86
N TYR A 53 2.59 14.52 -1.92
CA TYR A 53 1.26 14.25 -2.48
C TYR A 53 1.05 15.19 -3.66
N THR A 54 0.52 14.69 -4.77
CA THR A 54 0.27 15.51 -5.94
C THR A 54 -1.04 15.09 -6.56
N SER A 55 -1.45 15.81 -7.60
CA SER A 55 -2.68 15.45 -8.30
C SER A 55 -2.31 14.51 -9.41
N LYS A 56 -3.22 14.31 -10.35
CA LYS A 56 -3.00 13.50 -11.53
C LYS A 56 -2.65 14.46 -12.69
N LEU A 57 -2.38 15.72 -12.38
CA LEU A 57 -2.05 16.69 -13.45
C LEU A 57 -0.57 16.96 -13.48
N SER A 58 0.02 16.72 -14.65
CA SER A 58 1.46 16.88 -14.88
C SER A 58 2.10 18.17 -14.38
N ARG A 59 1.44 19.31 -14.52
CA ARG A 59 2.02 20.58 -14.05
C ARG A 59 2.31 20.57 -12.56
N ALA A 60 1.47 19.86 -11.80
CA ALA A 60 1.66 19.74 -10.35
C ALA A 60 2.78 18.74 -10.13
N ILE A 61 2.75 17.65 -10.89
CA ILE A 61 3.77 16.60 -10.80
C ILE A 61 5.16 17.13 -11.11
N GLN A 62 5.29 17.83 -12.24
CA GLN A 62 6.54 18.44 -12.67
C GLN A 62 7.04 19.40 -11.60
N THR A 63 6.15 20.22 -11.05
CA THR A 63 6.55 21.17 -10.02
C THR A 63 7.28 20.46 -8.87
N ALA A 64 6.67 19.42 -8.32
CA ALA A 64 7.26 18.62 -7.25
C ALA A 64 8.55 17.98 -7.79
N ASN A 65 8.48 17.43 -8.99
CA ASN A 65 9.66 16.81 -9.61
C ASN A 65 10.87 17.73 -9.68
N ILE A 66 10.64 19.03 -9.83
CA ILE A 66 11.72 20.02 -9.90
C ILE A 66 12.02 20.58 -8.50
N ALA A 67 10.97 20.90 -7.78
CA ALA A 67 11.13 21.45 -6.47
C ALA A 67 11.95 20.51 -5.59
N LEU A 68 11.58 19.22 -5.60
CA LEU A 68 12.27 18.17 -4.83
C LEU A 68 13.74 17.94 -5.28
N GLU A 69 14.02 18.06 -6.58
CA GLU A 69 15.40 17.90 -7.07
C GLU A 69 16.31 18.97 -6.42
N LYS A 70 15.81 20.20 -6.35
CA LYS A 70 16.53 21.34 -5.76
C LYS A 70 16.56 21.26 -4.24
N ALA A 71 15.57 20.58 -3.67
CA ALA A 71 15.53 20.43 -2.22
C ALA A 71 16.35 19.21 -1.77
N ASP A 72 16.83 18.44 -2.76
CA ASP A 72 17.61 17.23 -2.51
C ASP A 72 16.83 16.20 -1.69
N ARG A 73 15.56 16.03 -2.04
CA ARG A 73 14.67 15.10 -1.35
C ARG A 73 13.83 14.36 -2.36
N LEU A 74 14.46 14.01 -3.46
CA LEU A 74 13.78 13.35 -4.55
C LEU A 74 13.47 11.87 -4.28
N TRP A 75 14.01 11.36 -3.18
CA TRP A 75 13.82 9.96 -2.77
C TRP A 75 12.53 9.73 -1.98
N ILE A 76 11.98 10.82 -1.48
CA ILE A 76 10.75 10.87 -0.69
C ILE A 76 9.67 10.08 -1.45
N PRO A 77 8.78 9.35 -0.73
CA PRO A 77 7.68 8.56 -1.33
C PRO A 77 6.65 9.48 -2.00
N VAL A 78 6.18 9.10 -3.17
CA VAL A 78 5.22 9.92 -3.93
C VAL A 78 3.82 9.27 -3.98
N ASN A 79 2.80 10.05 -3.66
CA ASN A 79 1.42 9.56 -3.67
C ASN A 79 0.59 10.54 -4.53
N ARG A 80 -0.23 10.02 -5.45
CA ARG A 80 -1.06 10.89 -6.29
C ARG A 80 -2.53 10.54 -6.21
N SER A 81 -3.37 11.55 -6.46
CA SER A 81 -4.81 11.39 -6.39
C SER A 81 -5.57 12.42 -7.21
N TRP A 82 -6.62 11.97 -7.87
CA TRP A 82 -7.49 12.86 -8.64
C TRP A 82 -8.08 13.87 -7.64
N ARG A 83 -8.39 13.41 -6.44
CA ARG A 83 -8.96 14.28 -5.42
C ARG A 83 -8.20 15.57 -5.14
N LEU A 84 -6.96 15.69 -5.65
CA LEU A 84 -6.17 16.90 -5.46
C LEU A 84 -6.08 17.76 -6.74
N ASN A 85 -6.79 17.33 -7.77
CA ASN A 85 -6.86 18.02 -9.05
C ASN A 85 -7.55 19.35 -8.97
N GLU A 86 -7.19 20.21 -9.90
CA GLU A 86 -7.74 21.55 -10.04
C GLU A 86 -9.24 21.37 -10.28
N ARG A 87 -10.00 22.42 -10.02
CA ARG A 87 -11.44 22.43 -10.25
C ARG A 87 -11.63 22.15 -11.73
N HIS A 88 -12.65 21.36 -12.08
CA HIS A 88 -12.92 21.04 -13.47
C HIS A 88 -13.68 22.24 -14.01
N TYR A 89 -13.12 22.92 -15.02
CA TYR A 89 -13.76 24.12 -15.59
C TYR A 89 -14.93 23.89 -16.53
N GLY A 90 -15.28 22.62 -16.71
CA GLY A 90 -16.39 22.27 -17.57
C GLY A 90 -16.20 22.63 -19.01
N ASP A 91 -17.22 23.30 -19.57
CA ASP A 91 -17.25 23.73 -20.98
C ASP A 91 -16.21 24.80 -21.25
N LEU A 92 -15.82 25.54 -20.21
CA LEU A 92 -14.83 26.59 -20.31
C LEU A 92 -13.39 26.12 -20.48
N GLN A 93 -13.14 24.81 -20.45
CA GLN A 93 -11.77 24.33 -20.55
C GLN A 93 -10.94 24.68 -21.78
N GLY A 94 -11.40 24.35 -22.97
CA GLY A 94 -10.62 24.74 -24.13
C GLY A 94 -11.12 26.11 -24.58
N LYS A 95 -11.16 27.09 -23.68
CA LYS A 95 -11.66 28.40 -24.03
C LYS A 95 -10.76 29.59 -23.70
N ASP A 96 -10.62 30.49 -24.67
CA ASP A 96 -9.84 31.71 -24.52
C ASP A 96 -10.56 32.50 -23.45
N LYS A 97 -9.81 32.98 -22.45
CA LYS A 97 -10.44 33.75 -21.37
C LYS A 97 -11.06 35.09 -21.86
N ALA A 98 -10.29 35.89 -22.59
CA ALA A 98 -10.75 37.18 -23.10
C ALA A 98 -12.01 37.04 -23.92
N GLU A 99 -12.17 35.92 -24.62
CA GLU A 99 -13.36 35.67 -25.41
C GLU A 99 -14.57 35.35 -24.51
N THR A 100 -14.40 34.51 -23.50
CA THR A 100 -15.53 34.20 -22.61
C THR A 100 -15.93 35.38 -21.71
N LEU A 101 -15.01 36.33 -21.56
CA LEU A 101 -15.29 37.52 -20.76
C LEU A 101 -16.20 38.41 -21.58
N LYS A 102 -16.05 38.33 -22.89
CA LYS A 102 -16.86 39.11 -23.81
C LYS A 102 -18.16 38.35 -24.05
N LYS A 103 -18.04 37.08 -24.44
CA LYS A 103 -19.21 36.24 -24.69
C LYS A 103 -20.19 36.38 -23.52
N PHE A 104 -19.72 36.13 -22.30
CA PHE A 104 -20.55 36.24 -21.11
C PHE A 104 -20.22 37.56 -20.39
N GLY A 105 -21.24 38.30 -20.01
CA GLY A 105 -20.97 39.54 -19.30
C GLY A 105 -20.78 39.22 -17.84
N GLU A 106 -19.90 39.96 -17.17
CA GLU A 106 -19.57 39.81 -15.73
C GLU A 106 -20.44 38.86 -14.93
N GLU A 107 -21.76 39.05 -15.05
CA GLU A 107 -22.74 38.21 -14.37
C GLU A 107 -22.38 36.72 -14.50
N LYS A 108 -22.08 36.28 -15.72
CA LYS A 108 -21.71 34.90 -15.94
C LYS A 108 -20.21 34.64 -15.72
N PHE A 109 -19.36 35.51 -16.27
CA PHE A 109 -17.91 35.34 -16.15
C PHE A 109 -17.38 35.29 -14.73
N ASN A 110 -17.63 36.34 -13.96
CA ASN A 110 -17.14 36.40 -12.59
C ASN A 110 -17.68 35.28 -11.70
N THR A 111 -18.94 34.88 -11.90
CA THR A 111 -19.52 33.81 -11.09
C THR A 111 -18.84 32.46 -11.33
N TYR A 112 -18.78 32.03 -12.57
CA TYR A 112 -18.13 30.77 -12.92
C TYR A 112 -16.74 30.68 -12.31
N ARG A 113 -16.06 31.82 -12.23
CA ARG A 113 -14.72 31.90 -11.69
C ARG A 113 -14.58 31.93 -10.16
N ARG A 114 -15.48 32.62 -9.47
CA ARG A 114 -15.36 32.76 -8.02
C ARG A 114 -16.61 32.45 -7.17
N SER A 115 -17.66 31.98 -7.83
CA SER A 115 -18.87 31.58 -7.13
C SER A 115 -18.41 30.34 -6.37
N PHE A 116 -18.89 30.17 -5.16
CA PHE A 116 -18.51 29.00 -4.38
C PHE A 116 -19.44 27.81 -4.58
N ASP A 117 -20.73 28.09 -4.68
CA ASP A 117 -21.81 27.10 -4.81
C ASP A 117 -22.26 26.71 -6.23
N VAL A 118 -22.08 27.59 -7.21
CA VAL A 118 -22.54 27.29 -8.59
C VAL A 118 -21.44 27.07 -9.63
N PRO A 119 -21.46 25.90 -10.30
CA PRO A 119 -20.51 25.49 -11.31
C PRO A 119 -20.70 25.96 -12.75
N PRO A 120 -19.65 25.83 -13.58
CA PRO A 120 -19.61 26.20 -14.99
C PRO A 120 -20.47 25.20 -15.74
N PRO A 121 -20.67 25.42 -17.05
CA PRO A 121 -21.49 24.52 -17.88
C PRO A 121 -20.79 23.17 -18.04
N PRO A 122 -21.53 22.06 -18.00
CA PRO A 122 -20.82 20.79 -18.16
C PRO A 122 -20.24 20.64 -19.55
N ILE A 123 -19.02 20.11 -19.65
CA ILE A 123 -18.39 19.91 -20.95
C ILE A 123 -18.86 18.56 -21.47
N ASP A 124 -19.16 18.51 -22.76
CA ASP A 124 -19.62 17.27 -23.37
C ASP A 124 -18.47 16.30 -23.65
N ALA A 125 -18.80 15.00 -23.64
CA ALA A 125 -17.84 13.93 -23.88
C ALA A 125 -17.19 13.99 -25.27
N SER A 126 -17.87 14.64 -26.22
CA SER A 126 -17.38 14.79 -27.59
C SER A 126 -16.20 15.77 -27.71
N SER A 127 -16.22 16.81 -26.86
CA SER A 127 -15.20 17.84 -26.82
C SER A 127 -13.81 17.27 -26.70
N PRO A 128 -12.85 17.88 -27.41
CA PRO A 128 -11.47 17.38 -27.32
C PRO A 128 -10.81 17.88 -26.03
N PHE A 129 -11.61 18.47 -25.14
CA PHE A 129 -11.11 18.99 -23.86
C PHE A 129 -11.80 18.34 -22.67
N SER A 130 -12.46 17.21 -22.93
CA SER A 130 -13.15 16.43 -21.89
C SER A 130 -12.23 15.31 -21.49
N GLN A 131 -12.27 14.93 -20.21
CA GLN A 131 -11.45 13.84 -19.71
C GLN A 131 -12.24 12.54 -19.55
N LYS A 132 -13.54 12.61 -19.76
CA LYS A 132 -14.37 11.41 -19.65
C LYS A 132 -13.69 10.22 -20.35
N GLY A 133 -13.38 9.18 -19.59
CA GLY A 133 -12.74 7.99 -20.15
C GLY A 133 -11.23 8.05 -20.20
N ASP A 134 -10.61 9.00 -19.50
CA ASP A 134 -9.16 9.09 -19.50
C ASP A 134 -8.51 7.97 -18.67
N GLU A 135 -7.42 7.43 -19.22
CA GLU A 135 -6.64 6.34 -18.65
C GLU A 135 -6.23 6.51 -17.17
N ARG A 136 -5.74 7.69 -16.80
CA ARG A 136 -5.30 7.88 -15.43
C ARG A 136 -6.43 7.79 -14.41
N TYR A 137 -7.68 7.78 -14.89
CA TYR A 137 -8.84 7.69 -14.01
C TYR A 137 -9.67 6.44 -14.30
N LYS A 138 -9.08 5.39 -14.89
CA LYS A 138 -9.84 4.18 -15.20
C LYS A 138 -10.06 3.28 -13.98
N TYR A 139 -9.33 3.54 -12.91
CA TYR A 139 -9.46 2.77 -11.70
C TYR A 139 -10.33 3.47 -10.65
N VAL A 140 -10.94 4.57 -11.05
CA VAL A 140 -11.83 5.34 -10.18
C VAL A 140 -13.25 5.12 -10.70
N ASP A 141 -14.21 5.08 -9.78
CA ASP A 141 -15.63 4.91 -10.11
C ASP A 141 -16.01 5.92 -11.25
N PRO A 142 -16.44 5.41 -12.44
CA PRO A 142 -16.80 6.35 -13.51
C PRO A 142 -17.86 7.40 -13.12
N ASN A 143 -18.78 7.03 -12.24
CA ASN A 143 -19.86 7.93 -11.83
C ASN A 143 -19.44 9.12 -10.95
N VAL A 144 -18.24 9.10 -10.40
CA VAL A 144 -17.82 10.19 -9.52
C VAL A 144 -17.10 11.32 -10.24
N LEU A 145 -16.46 11.02 -11.37
CA LEU A 145 -15.72 12.03 -12.09
C LEU A 145 -16.61 13.16 -12.59
N PRO A 146 -16.28 14.38 -12.15
CA PRO A 146 -16.99 15.62 -12.49
C PRO A 146 -16.75 16.11 -13.90
N GLU A 147 -17.79 16.76 -14.45
CA GLU A 147 -17.76 17.34 -15.78
C GLU A 147 -17.71 18.86 -15.64
N THR A 148 -17.86 19.35 -14.41
CA THR A 148 -17.78 20.76 -14.02
C THR A 148 -17.63 20.73 -12.51
N GLU A 149 -17.07 21.80 -11.96
CA GLU A 149 -16.91 21.87 -10.52
C GLU A 149 -16.92 23.31 -10.02
N SER A 150 -17.48 23.47 -8.82
CA SER A 150 -17.51 24.74 -8.12
C SER A 150 -16.44 24.48 -7.08
N LEU A 151 -16.01 25.49 -6.33
CA LEU A 151 -15.03 25.25 -5.28
C LEU A 151 -15.72 24.25 -4.31
N ALA A 152 -17.00 24.51 -4.01
CA ALA A 152 -17.79 23.67 -3.11
C ALA A 152 -17.60 22.19 -3.40
N LEU A 153 -17.79 21.82 -4.66
CA LEU A 153 -17.65 20.46 -5.13
C LEU A 153 -16.21 19.97 -4.96
N VAL A 154 -15.24 20.82 -5.27
CA VAL A 154 -13.84 20.47 -5.15
C VAL A 154 -13.50 20.15 -3.70
N ILE A 155 -13.92 21.01 -2.79
CA ILE A 155 -13.66 20.82 -1.35
C ILE A 155 -14.31 19.52 -0.90
N ASP A 156 -15.41 19.15 -1.54
CA ASP A 156 -16.17 17.95 -1.23
C ASP A 156 -15.49 16.63 -1.62
N ARG A 157 -14.93 16.56 -2.81
CA ARG A 157 -14.27 15.35 -3.26
C ARG A 157 -12.84 15.29 -2.79
N LEU A 158 -12.34 16.42 -2.29
CA LEU A 158 -10.98 16.47 -1.78
C LEU A 158 -10.94 16.09 -0.31
N LEU A 159 -11.89 16.58 0.47
CA LEU A 159 -11.90 16.30 1.91
C LEU A 159 -11.64 14.87 2.38
N PRO A 160 -12.28 13.87 1.76
CA PRO A 160 -12.05 12.48 2.19
C PRO A 160 -10.63 11.91 2.01
N TYR A 161 -9.89 12.49 1.06
CA TYR A 161 -8.54 12.07 0.79
C TYR A 161 -7.72 12.65 1.93
N TRP A 162 -7.97 13.92 2.21
CA TRP A 162 -7.27 14.62 3.28
C TRP A 162 -7.49 13.91 4.62
N GLN A 163 -8.75 13.60 4.89
CA GLN A 163 -9.22 12.96 6.12
C GLN A 163 -8.67 11.57 6.46
N ASP A 164 -8.54 10.72 5.43
CA ASP A 164 -8.06 9.36 5.61
C ASP A 164 -6.59 9.13 5.30
N VAL A 165 -6.18 9.64 4.14
CA VAL A 165 -4.85 9.47 3.64
C VAL A 165 -3.80 10.47 4.11
N ILE A 166 -3.98 11.74 3.80
CA ILE A 166 -2.96 12.72 4.19
C ILE A 166 -2.90 12.82 5.69
N ALA A 167 -4.08 12.78 6.33
CA ALA A 167 -4.20 12.83 7.78
C ALA A 167 -3.35 11.78 8.50
N LYS A 168 -3.25 10.57 7.93
CA LYS A 168 -2.46 9.48 8.53
C LYS A 168 -0.98 9.79 8.60
N ASP A 169 -0.42 10.27 7.50
CA ASP A 169 1.00 10.61 7.48
C ASP A 169 1.27 11.80 8.40
N LEU A 170 0.33 12.75 8.40
CA LEU A 170 0.44 13.93 9.23
C LEU A 170 0.44 13.50 10.70
N LEU A 171 -0.50 12.64 11.07
CA LEU A 171 -0.61 12.13 12.44
C LEU A 171 0.51 11.13 12.79
N SER A 172 1.34 10.75 11.81
CA SER A 172 2.46 9.84 12.02
C SER A 172 3.78 10.62 12.09
N GLY A 173 3.71 11.94 12.09
CA GLY A 173 4.92 12.75 12.16
C GLY A 173 5.64 12.95 10.84
N LYS A 174 4.98 12.59 9.75
CA LYS A 174 5.56 12.73 8.43
C LYS A 174 5.26 14.14 7.94
N THR A 175 6.29 14.94 7.64
CA THR A 175 5.99 16.28 7.12
C THR A 175 5.47 16.02 5.72
N VAL A 176 4.26 16.46 5.39
CA VAL A 176 3.81 16.18 4.04
C VAL A 176 3.75 17.41 3.15
N MET A 177 4.27 17.27 1.94
CA MET A 177 4.28 18.33 0.96
C MET A 177 3.19 17.98 -0.04
N ILE A 178 2.38 18.96 -0.44
CA ILE A 178 1.32 18.70 -1.40
C ILE A 178 1.53 19.63 -2.60
N ALA A 179 1.46 19.07 -3.79
CA ALA A 179 1.60 19.81 -5.03
C ALA A 179 0.25 19.72 -5.72
N ALA A 180 -0.51 20.78 -5.65
CA ALA A 180 -1.80 20.78 -6.28
C ALA A 180 -2.07 22.06 -7.06
N HIS A 181 -3.31 22.48 -7.06
CA HIS A 181 -3.68 23.63 -7.85
C HIS A 181 -4.43 24.66 -7.05
N GLY A 182 -4.49 25.88 -7.59
CA GLY A 182 -5.16 27.01 -6.94
C GLY A 182 -6.44 26.69 -6.16
N ASN A 183 -7.44 26.17 -6.86
CA ASN A 183 -8.71 25.83 -6.21
C ASN A 183 -8.61 24.75 -5.15
N SER A 184 -7.81 23.71 -5.42
CA SER A 184 -7.64 22.61 -4.46
C SER A 184 -6.91 23.02 -3.20
N LEU A 185 -5.91 23.88 -3.37
CA LEU A 185 -5.12 24.34 -2.25
C LEU A 185 -5.90 25.33 -1.41
N ARG A 186 -6.61 26.24 -2.07
CA ARG A 186 -7.43 27.22 -1.35
C ARG A 186 -8.56 26.46 -0.64
N GLY A 187 -9.12 25.48 -1.33
CA GLY A 187 -10.17 24.68 -0.76
C GLY A 187 -9.70 23.97 0.50
N LEU A 188 -8.43 23.61 0.55
CA LEU A 188 -7.92 22.96 1.73
C LEU A 188 -7.61 23.98 2.84
N VAL A 189 -7.04 25.13 2.44
CA VAL A 189 -6.72 26.22 3.38
C VAL A 189 -7.99 26.67 4.13
N LYS A 190 -9.09 26.81 3.38
CA LYS A 190 -10.38 27.20 3.94
C LYS A 190 -10.86 26.25 5.04
N HIS A 191 -10.60 24.95 4.84
CA HIS A 191 -11.02 23.96 5.82
C HIS A 191 -10.15 24.06 7.06
N LEU A 192 -8.86 24.22 6.84
CA LEU A 192 -7.88 24.30 7.92
C LEU A 192 -8.06 25.57 8.75
N GLU A 193 -8.30 26.68 8.05
CA GLU A 193 -8.47 27.99 8.66
C GLU A 193 -9.94 28.36 8.90
N GLY A 194 -10.86 27.54 8.40
CA GLY A 194 -12.28 27.76 8.62
C GLY A 194 -12.87 28.97 7.94
N ILE A 195 -12.23 29.39 6.86
CA ILE A 195 -12.70 30.53 6.10
C ILE A 195 -14.14 30.30 5.64
N SER A 196 -14.94 31.36 5.66
CA SER A 196 -16.36 31.28 5.27
C SER A 196 -16.55 31.17 3.76
N ASP A 197 -17.75 30.74 3.37
CA ASP A 197 -18.09 30.58 1.95
C ASP A 197 -17.97 31.91 1.17
N ALA A 198 -18.31 33.00 1.84
CA ALA A 198 -18.27 34.35 1.29
C ALA A 198 -16.85 34.95 1.23
N ASP A 199 -16.02 34.55 2.19
CA ASP A 199 -14.65 35.04 2.24
C ASP A 199 -13.65 34.26 1.36
N ILE A 200 -13.90 32.96 1.14
CA ILE A 200 -12.97 32.16 0.35
C ILE A 200 -12.67 32.69 -1.05
N ALA A 201 -13.68 33.31 -1.66
CA ALA A 201 -13.53 33.86 -3.00
C ALA A 201 -12.48 35.00 -3.02
N LYS A 202 -12.11 35.50 -1.84
CA LYS A 202 -11.14 36.59 -1.70
C LYS A 202 -9.72 36.08 -1.70
N LEU A 203 -9.51 34.92 -1.10
CA LEU A 203 -8.20 34.29 -0.98
C LEU A 203 -7.56 33.83 -2.28
N ASN A 204 -6.24 33.92 -2.31
CA ASN A 204 -5.48 33.41 -3.43
C ASN A 204 -4.10 33.08 -2.89
N ILE A 205 -3.54 31.99 -3.39
CA ILE A 205 -2.23 31.54 -2.96
C ILE A 205 -1.29 31.76 -4.16
N PRO A 206 -0.19 32.51 -3.94
CA PRO A 206 0.81 32.83 -4.97
C PRO A 206 1.40 31.57 -5.60
N THR A 207 1.58 31.56 -6.91
CA THR A 207 2.14 30.40 -7.58
C THR A 207 3.67 30.31 -7.34
N GLY A 208 4.13 29.13 -6.93
CA GLY A 208 5.57 28.94 -6.72
C GLY A 208 6.14 29.21 -5.33
N ILE A 209 5.32 29.67 -4.39
CA ILE A 209 5.87 29.92 -3.06
C ILE A 209 5.31 28.90 -2.06
N PRO A 210 6.19 28.04 -1.51
CA PRO A 210 5.74 27.03 -0.54
C PRO A 210 5.03 27.67 0.64
N LEU A 211 3.97 27.02 1.10
CA LEU A 211 3.18 27.51 2.22
C LEU A 211 3.25 26.46 3.34
N VAL A 212 3.78 26.86 4.48
CA VAL A 212 3.91 25.96 5.60
C VAL A 212 2.77 26.15 6.58
N PHE A 213 2.30 25.04 7.14
CA PHE A 213 1.23 25.02 8.13
C PHE A 213 1.68 24.15 9.29
N GLU A 214 1.78 24.74 10.46
CA GLU A 214 2.12 23.97 11.66
C GLU A 214 0.72 23.59 12.13
N LEU A 215 0.52 22.31 12.40
CA LEU A 215 -0.79 21.80 12.84
C LEU A 215 -0.70 21.14 14.19
N ASP A 216 -1.82 21.08 14.91
CA ASP A 216 -1.87 20.40 16.20
C ASP A 216 -2.42 18.99 16.01
N GLU A 217 -2.57 18.24 17.12
CA GLU A 217 -3.07 16.85 17.10
C GLU A 217 -4.43 16.70 16.45
N ASN A 218 -5.18 17.79 16.37
CA ASN A 218 -6.49 17.74 15.75
C ASN A 218 -6.41 18.38 14.35
N LEU A 219 -5.17 18.54 13.87
CA LEU A 219 -4.86 19.09 12.54
C LEU A 219 -5.32 20.53 12.30
N LYS A 220 -5.29 21.35 13.35
CA LYS A 220 -5.69 22.75 13.27
C LYS A 220 -4.40 23.59 13.29
N PRO A 221 -4.40 24.74 12.57
CA PRO A 221 -3.21 25.59 12.53
C PRO A 221 -2.85 26.03 13.95
N SER A 222 -1.64 25.69 14.41
CA SER A 222 -1.19 26.07 15.76
C SER A 222 -0.61 27.48 15.81
N LYS A 223 -0.47 28.06 14.62
CA LYS A 223 0.03 29.42 14.42
C LYS A 223 -0.26 29.67 12.94
N PRO A 224 -0.34 30.96 12.53
CA PRO A 224 -0.62 31.33 11.14
C PRO A 224 0.27 30.70 10.09
N SER A 225 -0.35 30.31 8.98
CA SER A 225 0.38 29.75 7.86
C SER A 225 1.34 30.85 7.33
N TYR A 226 2.54 30.44 6.92
CA TYR A 226 3.52 31.39 6.40
C TYR A 226 4.15 30.92 5.10
N TYR A 227 4.55 31.87 4.27
CA TYR A 227 5.18 31.59 3.00
C TYR A 227 6.67 31.56 3.28
N LEU A 228 7.42 30.77 2.50
CA LEU A 228 8.87 30.68 2.70
C LEU A 228 9.62 31.93 2.22
N ASP A 229 8.96 32.69 1.35
CA ASP A 229 9.47 33.97 0.83
C ASP A 229 8.28 34.90 1.10
N PRO A 230 8.06 35.24 2.40
CA PRO A 230 6.97 36.11 2.83
C PRO A 230 6.84 37.35 1.99
N GLU A 231 7.99 37.96 1.71
CA GLU A 231 8.07 39.18 0.91
C GLU A 231 7.47 39.00 -0.48
N ALA A 232 7.93 38.00 -1.23
CA ALA A 232 7.41 37.76 -2.57
C ALA A 232 5.92 37.47 -2.59
N ALA A 233 5.43 36.77 -1.57
CA ALA A 233 4.00 36.44 -1.43
C ALA A 233 3.17 37.69 -1.10
N ALA A 234 3.75 38.57 -0.29
CA ALA A 234 3.12 39.82 0.12
C ALA A 234 2.89 40.80 -1.04
N ALA A 235 3.68 40.66 -2.09
CA ALA A 235 3.58 41.53 -3.27
C ALA A 235 2.24 41.33 -4.00
N PRO B 1 3.25 -9.93 -20.35
CA PRO B 1 3.87 -8.83 -19.58
C PRO B 1 4.92 -8.08 -20.38
N LYS B 2 4.99 -6.78 -20.21
CA LYS B 2 5.96 -5.92 -20.91
C LYS B 2 6.71 -5.14 -19.82
N LEU B 3 8.03 -5.12 -19.93
CA LEU B 3 8.90 -4.46 -18.96
C LEU B 3 9.87 -3.56 -19.71
N VAL B 4 10.20 -2.40 -19.14
CA VAL B 4 11.13 -1.46 -19.77
C VAL B 4 12.20 -1.04 -18.82
N LEU B 5 13.44 -1.24 -19.23
CA LEU B 5 14.60 -0.89 -18.44
C LEU B 5 15.23 0.40 -18.96
N VAL B 6 15.65 1.27 -18.04
CA VAL B 6 16.28 2.53 -18.43
C VAL B 6 17.47 2.85 -17.55
N ARG B 7 18.66 2.90 -18.14
CA ARG B 7 19.86 3.23 -17.37
C ARG B 7 20.10 4.72 -17.44
N HIS B 8 20.18 5.36 -16.28
CA HIS B 8 20.36 6.78 -16.26
C HIS B 8 21.65 7.18 -16.95
N GLY B 9 21.69 8.42 -17.42
CA GLY B 9 22.86 8.96 -18.08
C GLY B 9 23.93 9.18 -17.04
N GLN B 10 25.02 9.84 -17.44
CA GLN B 10 26.14 10.05 -16.54
C GLN B 10 25.93 10.93 -15.32
N SER B 11 26.63 10.58 -14.24
CA SER B 11 26.61 11.29 -12.96
C SER B 11 27.69 12.39 -12.92
N GLU B 12 27.46 13.46 -12.17
CA GLU B 12 28.48 14.52 -12.04
C GLU B 12 29.81 13.91 -11.63
N TRP B 13 29.76 12.90 -10.77
CA TRP B 13 30.99 12.21 -10.32
C TRP B 13 31.58 11.41 -11.45
N ASN B 14 30.71 10.95 -12.34
CA ASN B 14 31.08 10.16 -13.49
C ASN B 14 31.88 11.02 -14.49
N GLU B 15 31.48 12.28 -14.63
CA GLU B 15 32.17 13.21 -15.53
C GLU B 15 33.56 13.55 -15.03
N LYS B 16 33.77 13.43 -13.71
CA LYS B 16 35.06 13.69 -13.13
C LYS B 16 35.81 12.42 -12.72
N ASN B 17 35.45 11.30 -13.32
CA ASN B 17 36.13 10.02 -13.07
C ASN B 17 36.14 9.53 -11.62
N LEU B 18 35.02 9.69 -10.93
CA LEU B 18 34.90 9.24 -9.54
C LEU B 18 33.93 8.07 -9.38
N PHE B 19 34.26 7.14 -8.50
CA PHE B 19 33.40 5.98 -8.23
C PHE B 19 32.22 6.46 -7.37
N THR B 20 31.01 6.35 -7.89
CA THR B 20 29.81 6.83 -7.17
C THR B 20 29.16 5.85 -6.17
N GLY B 21 28.77 4.67 -6.62
CA GLY B 21 28.15 3.69 -5.74
C GLY B 21 26.83 4.23 -5.19
N TRP B 22 26.63 4.06 -3.89
CA TRP B 22 25.43 4.55 -3.24
C TRP B 22 25.50 6.03 -2.90
N VAL B 23 26.59 6.70 -3.26
CA VAL B 23 26.65 8.13 -2.97
C VAL B 23 25.57 8.82 -3.80
N ASP B 24 24.80 9.69 -3.17
CA ASP B 24 23.71 10.36 -3.86
C ASP B 24 24.08 11.60 -4.69
N VAL B 25 24.88 11.35 -5.73
CA VAL B 25 25.33 12.39 -6.65
C VAL B 25 24.17 12.58 -7.64
N LYS B 26 24.10 13.74 -8.29
CA LYS B 26 23.05 13.95 -9.25
C LYS B 26 23.56 13.84 -10.65
N LEU B 27 22.61 13.90 -11.57
CA LEU B 27 22.81 13.78 -13.01
C LEU B 27 23.66 14.92 -13.62
N SER B 28 24.33 14.64 -14.73
CA SER B 28 25.14 15.68 -15.40
C SER B 28 24.22 16.36 -16.41
N ALA B 29 24.66 17.46 -17.00
CA ALA B 29 23.84 18.18 -17.99
C ALA B 29 23.45 17.26 -19.15
N LYS B 30 24.39 16.44 -19.64
CA LYS B 30 24.07 15.52 -20.75
C LYS B 30 23.27 14.34 -20.20
N GLY B 31 23.50 14.03 -18.92
CA GLY B 31 22.76 12.97 -18.27
C GLY B 31 21.28 13.28 -18.42
N GLN B 32 20.94 14.56 -18.13
CA GLN B 32 19.58 15.10 -18.22
C GLN B 32 19.03 15.08 -19.64
N GLN B 33 19.91 15.30 -20.61
CA GLN B 33 19.48 15.31 -22.00
C GLN B 33 19.13 13.90 -22.43
N GLU B 34 19.91 12.91 -21.97
CA GLU B 34 19.63 11.51 -22.31
C GLU B 34 18.28 11.10 -21.72
N ALA B 35 17.96 11.61 -20.54
CA ALA B 35 16.67 11.30 -19.91
C ALA B 35 15.55 11.75 -20.85
N ALA B 36 15.65 12.98 -21.35
CA ALA B 36 14.66 13.52 -22.29
C ALA B 36 14.61 12.62 -23.50
N ARG B 37 15.79 12.26 -23.99
CA ARG B 37 15.96 11.37 -25.15
C ARG B 37 15.30 10.01 -24.89
N ALA B 38 15.51 9.47 -23.70
CA ALA B 38 14.91 8.19 -23.32
C ALA B 38 13.38 8.34 -23.32
N GLY B 39 12.86 9.38 -22.67
CA GLY B 39 11.41 9.60 -22.66
C GLY B 39 10.86 9.83 -24.06
N GLU B 40 11.61 10.57 -24.86
CA GLU B 40 11.29 10.88 -26.26
C GLU B 40 11.08 9.58 -27.02
N LEU B 41 12.05 8.68 -26.83
CA LEU B 41 12.07 7.35 -27.46
C LEU B 41 10.90 6.51 -26.99
N LEU B 42 10.58 6.61 -25.71
CA LEU B 42 9.48 5.88 -25.09
C LEU B 42 8.18 6.26 -25.84
N LYS B 43 7.99 7.55 -26.09
CA LYS B 43 6.79 8.02 -26.78
C LYS B 43 6.80 7.59 -28.22
N GLU B 44 7.92 7.86 -28.88
CA GLU B 44 8.10 7.53 -30.29
C GLU B 44 7.79 6.07 -30.62
N LYS B 45 8.34 5.15 -29.82
CA LYS B 45 8.15 3.72 -30.05
C LYS B 45 6.87 3.13 -29.47
N LYS B 46 6.00 3.99 -28.96
CA LYS B 46 4.71 3.60 -28.41
C LYS B 46 4.77 2.59 -27.25
N VAL B 47 5.66 2.85 -26.28
CA VAL B 47 5.78 2.00 -25.11
C VAL B 47 5.34 2.86 -23.93
N TYR B 48 4.19 2.51 -23.35
CA TYR B 48 3.65 3.29 -22.25
C TYR B 48 3.60 2.60 -20.89
N PRO B 49 4.61 2.86 -20.02
CA PRO B 49 4.53 2.20 -18.71
C PRO B 49 3.31 2.63 -17.89
N ASP B 50 2.72 1.67 -17.18
CA ASP B 50 1.57 1.92 -16.33
C ASP B 50 2.04 2.20 -14.91
N VAL B 51 3.26 1.74 -14.59
CA VAL B 51 3.83 1.90 -13.25
C VAL B 51 5.34 2.22 -13.36
N LEU B 52 5.90 2.87 -12.35
CA LEU B 52 7.33 3.17 -12.33
C LEU B 52 8.03 2.66 -11.07
N TYR B 53 9.21 2.07 -11.24
CA TYR B 53 10.00 1.63 -10.09
C TYR B 53 11.35 2.29 -10.23
N THR B 54 11.87 2.82 -9.13
CA THR B 54 13.17 3.46 -9.14
C THR B 54 13.92 3.11 -7.87
N SER B 55 15.23 3.32 -7.90
CA SER B 55 16.03 3.09 -6.72
C SER B 55 15.78 4.30 -5.81
N LYS B 56 16.60 4.47 -4.79
CA LYS B 56 16.49 5.61 -3.89
C LYS B 56 17.55 6.68 -4.23
N LEU B 57 18.24 6.50 -5.35
CA LEU B 57 19.29 7.43 -5.78
C LEU B 57 18.75 8.45 -6.74
N SER B 58 18.84 9.71 -6.35
CA SER B 58 18.36 10.87 -7.13
C SER B 58 18.72 10.92 -8.61
N ARG B 59 19.89 10.40 -9.00
CA ARG B 59 20.32 10.38 -10.41
C ARG B 59 19.39 9.50 -11.26
N ALA B 60 18.81 8.47 -10.63
CA ALA B 60 17.89 7.56 -11.31
C ALA B 60 16.48 8.17 -11.30
N ILE B 61 16.07 8.67 -10.14
CA ILE B 61 14.75 9.30 -10.00
C ILE B 61 14.60 10.47 -11.00
N GLN B 62 15.61 11.32 -11.15
CA GLN B 62 15.59 12.44 -12.10
C GLN B 62 15.36 11.95 -13.51
N THR B 63 16.12 10.94 -13.88
CA THR B 63 16.01 10.35 -15.21
C THR B 63 14.58 9.93 -15.48
N ALA B 64 14.01 9.13 -14.57
CA ALA B 64 12.64 8.66 -14.65
C ALA B 64 11.68 9.85 -14.85
N ASN B 65 11.90 10.88 -14.06
CA ASN B 65 11.06 12.08 -14.13
C ASN B 65 11.11 12.84 -15.46
N ILE B 66 12.33 13.21 -15.87
CA ILE B 66 12.52 13.95 -17.12
C ILE B 66 11.99 13.08 -18.27
N ALA B 67 12.21 11.79 -18.15
CA ALA B 67 11.78 10.85 -19.18
C ALA B 67 10.25 10.71 -19.27
N LEU B 68 9.57 10.59 -18.12
CA LEU B 68 8.11 10.47 -18.11
C LEU B 68 7.47 11.79 -18.57
N GLU B 69 8.04 12.92 -18.18
CA GLU B 69 7.50 14.22 -18.60
C GLU B 69 7.42 14.26 -20.12
N LYS B 70 8.54 13.96 -20.77
CA LYS B 70 8.62 13.92 -22.22
C LYS B 70 7.70 12.85 -22.82
N ALA B 71 7.51 11.75 -22.08
CA ALA B 71 6.64 10.69 -22.55
C ALA B 71 5.14 10.97 -22.33
N ASP B 72 4.84 12.02 -21.54
CA ASP B 72 3.46 12.42 -21.23
C ASP B 72 2.73 11.43 -20.33
N ARG B 73 3.47 10.83 -19.38
CA ARG B 73 2.89 9.85 -18.47
C ARG B 73 3.42 10.08 -17.09
N LEU B 74 3.48 11.35 -16.69
CA LEU B 74 3.97 11.73 -15.38
C LEU B 74 3.03 11.23 -14.27
N TRP B 75 1.73 11.14 -14.56
CA TRP B 75 0.69 10.72 -13.61
C TRP B 75 0.83 9.34 -13.03
N ILE B 76 1.74 8.59 -13.61
CA ILE B 76 2.02 7.22 -13.24
C ILE B 76 2.41 6.93 -11.80
N PRO B 77 1.88 5.82 -11.21
CA PRO B 77 2.23 5.46 -9.83
C PRO B 77 3.72 5.09 -9.75
N VAL B 78 4.38 5.54 -8.69
CA VAL B 78 5.82 5.36 -8.46
C VAL B 78 6.17 4.68 -7.13
N ASN B 79 7.13 3.76 -7.14
CA ASN B 79 7.62 3.07 -5.93
C ASN B 79 9.13 3.07 -6.00
N ARG B 80 9.79 3.21 -4.85
CA ARG B 80 11.25 3.25 -4.84
C ARG B 80 11.79 2.19 -3.90
N SER B 81 12.97 1.65 -4.19
CA SER B 81 13.57 0.63 -3.33
C SER B 81 15.08 0.66 -3.26
N TRP B 82 15.62 0.52 -2.05
CA TRP B 82 17.05 0.47 -1.87
C TRP B 82 17.56 -0.74 -2.68
N ARG B 83 16.67 -1.71 -2.90
CA ARG B 83 17.02 -2.92 -3.65
C ARG B 83 17.36 -2.77 -5.12
N LEU B 84 16.93 -1.66 -5.73
CA LEU B 84 17.19 -1.39 -7.15
C LEU B 84 18.38 -0.40 -7.31
N ASN B 85 19.03 -0.10 -6.18
CA ASN B 85 20.17 0.78 -6.11
C ASN B 85 21.36 0.25 -6.86
N GLU B 86 22.34 1.12 -7.02
CA GLU B 86 23.59 0.81 -7.70
C GLU B 86 24.35 -0.09 -6.73
N ARG B 87 25.44 -0.69 -7.18
CA ARG B 87 26.28 -1.53 -6.35
C ARG B 87 27.00 -0.60 -5.37
N HIS B 88 27.01 -0.95 -4.10
CA HIS B 88 27.71 -0.14 -3.12
C HIS B 88 29.19 -0.32 -3.47
N TYR B 89 29.91 0.80 -3.63
CA TYR B 89 31.33 0.74 -4.00
C TYR B 89 32.37 0.70 -2.87
N GLY B 90 32.02 0.10 -1.75
CA GLY B 90 32.94 0.01 -0.62
C GLY B 90 33.81 1.22 -0.38
N ASP B 91 35.03 0.98 0.08
CA ASP B 91 36.02 2.04 0.35
C ASP B 91 36.38 2.82 -0.93
N LEU B 92 36.08 2.24 -2.08
CA LEU B 92 36.32 2.87 -3.37
C LEU B 92 35.43 4.10 -3.64
N GLN B 93 34.37 4.27 -2.85
CA GLN B 93 33.43 5.38 -3.03
C GLN B 93 34.04 6.77 -2.90
N GLY B 94 33.87 7.55 -3.97
CA GLY B 94 34.39 8.91 -4.05
C GLY B 94 35.83 9.02 -4.56
N LYS B 95 36.42 7.89 -4.94
CA LYS B 95 37.81 7.84 -5.38
C LYS B 95 37.98 7.83 -6.87
N ASP B 96 39.07 8.50 -7.30
CA ASP B 96 39.45 8.64 -8.70
C ASP B 96 39.71 7.26 -9.33
N LYS B 97 39.13 7.01 -10.49
CA LYS B 97 39.27 5.73 -11.18
C LYS B 97 40.65 5.52 -11.82
N ALA B 98 41.27 6.59 -12.32
CA ALA B 98 42.58 6.48 -12.90
C ALA B 98 43.53 6.23 -11.73
N GLU B 99 43.35 7.00 -10.66
CA GLU B 99 44.17 6.88 -9.47
C GLU B 99 44.01 5.54 -8.74
N THR B 100 42.81 4.96 -8.76
CA THR B 100 42.60 3.64 -8.12
C THR B 100 43.25 2.58 -9.03
N LEU B 101 43.37 2.88 -10.33
CA LEU B 101 43.99 1.94 -11.26
C LEU B 101 45.50 1.79 -10.97
N LYS B 102 46.11 2.83 -10.40
CA LYS B 102 47.52 2.79 -10.06
C LYS B 102 47.78 2.43 -8.61
N LYS B 103 46.78 2.61 -7.74
CA LYS B 103 46.93 2.25 -6.33
C LYS B 103 47.03 0.73 -6.33
N PHE B 104 45.99 0.10 -6.85
CA PHE B 104 45.94 -1.35 -6.98
C PHE B 104 46.47 -1.57 -8.39
N GLY B 105 46.41 -2.79 -8.87
CA GLY B 105 46.88 -3.04 -10.22
C GLY B 105 45.75 -3.60 -11.05
N GLU B 106 45.82 -3.38 -12.36
CA GLU B 106 44.84 -3.86 -13.34
C GLU B 106 44.09 -5.13 -12.93
N GLU B 107 44.84 -6.10 -12.42
CA GLU B 107 44.30 -7.37 -11.95
C GLU B 107 43.31 -7.16 -10.79
N LYS B 108 43.79 -6.54 -9.72
CA LYS B 108 42.99 -6.27 -8.51
C LYS B 108 41.94 -5.20 -8.78
N PHE B 109 42.22 -4.35 -9.78
CA PHE B 109 41.31 -3.27 -10.18
C PHE B 109 40.12 -3.91 -10.84
N ASN B 110 40.37 -4.75 -11.85
CA ASN B 110 39.28 -5.42 -12.54
C ASN B 110 38.57 -6.41 -11.60
N THR B 111 39.19 -6.72 -10.46
CA THR B 111 38.55 -7.59 -9.47
C THR B 111 37.59 -6.72 -8.65
N TYR B 112 38.10 -5.66 -8.03
CA TYR B 112 37.28 -4.76 -7.23
C TYR B 112 36.24 -4.09 -8.12
N ARG B 113 36.42 -4.16 -9.44
CA ARG B 113 35.48 -3.56 -10.38
C ARG B 113 34.52 -4.53 -11.09
N ARG B 114 35.07 -5.61 -11.66
CA ARG B 114 34.28 -6.59 -12.39
C ARG B 114 34.27 -8.03 -11.86
N SER B 115 34.78 -8.25 -10.65
CA SER B 115 34.73 -9.58 -10.07
C SER B 115 33.26 -9.86 -9.75
N PHE B 116 32.71 -10.93 -10.31
CA PHE B 116 31.31 -11.23 -10.01
C PHE B 116 31.02 -11.36 -8.52
N ASP B 117 31.98 -11.85 -7.75
CA ASP B 117 31.76 -12.04 -6.33
C ASP B 117 32.78 -11.43 -5.37
N VAL B 118 33.71 -10.60 -5.86
CA VAL B 118 34.68 -9.99 -4.96
C VAL B 118 34.42 -8.50 -4.87
N PRO B 119 33.79 -8.09 -3.77
CA PRO B 119 33.46 -6.70 -3.57
C PRO B 119 34.66 -5.88 -3.18
N PRO B 120 34.58 -4.56 -3.40
CA PRO B 120 35.67 -3.68 -3.02
C PRO B 120 35.81 -3.83 -1.52
N PRO B 121 36.82 -3.18 -0.93
CA PRO B 121 36.91 -3.34 0.52
C PRO B 121 35.75 -2.61 1.20
N PRO B 122 35.41 -3.00 2.44
CA PRO B 122 34.32 -2.34 3.16
C PRO B 122 34.71 -0.90 3.45
N ILE B 123 33.77 0.03 3.27
CA ILE B 123 34.10 1.42 3.56
C ILE B 123 33.91 1.69 5.06
N ASP B 124 34.83 2.44 5.62
CA ASP B 124 34.78 2.79 7.02
C ASP B 124 33.51 3.60 7.29
N ALA B 125 32.85 3.29 8.40
CA ALA B 125 31.60 3.94 8.80
C ALA B 125 31.70 5.46 8.99
N SER B 126 32.91 5.95 9.31
CA SER B 126 33.12 7.37 9.51
C SER B 126 33.49 8.16 8.25
N SER B 127 33.88 7.46 7.19
CA SER B 127 34.25 8.11 5.93
C SER B 127 33.13 9.00 5.42
N PRO B 128 33.49 10.16 4.84
CA PRO B 128 32.51 11.12 4.31
C PRO B 128 31.68 10.55 3.17
N PHE B 129 32.03 9.38 2.68
CA PHE B 129 31.31 8.79 1.56
C PHE B 129 30.58 7.48 1.85
N SER B 130 30.19 7.30 3.11
CA SER B 130 29.42 6.13 3.55
C SER B 130 28.04 6.71 3.86
N GLN B 131 26.98 5.99 3.51
CA GLN B 131 25.65 6.49 3.82
C GLN B 131 24.99 5.60 4.86
N LYS B 132 25.84 5.06 5.73
CA LYS B 132 25.37 4.22 6.82
C LYS B 132 24.62 5.18 7.76
N GLY B 133 23.30 5.00 7.87
CA GLY B 133 22.51 5.87 8.73
C GLY B 133 21.84 6.96 7.94
N ASP B 134 21.76 6.79 6.64
CA ASP B 134 21.14 7.78 5.77
C ASP B 134 19.61 7.80 5.93
N GLU B 135 19.05 9.01 5.91
CA GLU B 135 17.62 9.21 6.09
C GLU B 135 16.72 8.32 5.24
N ARG B 136 17.07 8.15 3.98
CA ARG B 136 16.27 7.35 3.07
C ARG B 136 16.26 5.86 3.37
N TYR B 137 17.09 5.39 4.31
CA TYR B 137 17.13 3.97 4.67
C TYR B 137 16.77 3.71 6.16
N LYS B 138 16.21 4.70 6.84
CA LYS B 138 15.90 4.57 8.27
C LYS B 138 14.86 3.51 8.63
N TYR B 139 14.04 3.14 7.67
CA TYR B 139 13.01 2.15 7.89
C TYR B 139 13.42 0.77 7.41
N VAL B 140 14.63 0.64 6.88
CA VAL B 140 15.11 -0.65 6.40
C VAL B 140 15.95 -1.32 7.50
N ASP B 141 15.89 -2.65 7.57
CA ASP B 141 16.70 -3.37 8.58
C ASP B 141 18.15 -2.91 8.45
N PRO B 142 18.67 -2.18 9.47
CA PRO B 142 20.06 -1.68 9.44
C PRO B 142 21.09 -2.72 8.95
N ASN B 143 20.92 -3.96 9.38
CA ASN B 143 21.81 -5.06 9.07
C ASN B 143 21.88 -5.54 7.62
N VAL B 144 20.84 -5.31 6.83
CA VAL B 144 20.88 -5.78 5.44
C VAL B 144 21.66 -4.82 4.55
N LEU B 145 21.61 -3.53 4.91
CA LEU B 145 22.27 -2.46 4.19
C LEU B 145 23.77 -2.72 4.15
N PRO B 146 24.34 -2.85 2.92
CA PRO B 146 25.77 -3.11 2.70
C PRO B 146 26.69 -1.95 2.92
N GLU B 147 27.95 -2.31 3.12
CA GLU B 147 29.04 -1.35 3.30
C GLU B 147 30.07 -1.57 2.20
N THR B 148 29.68 -2.43 1.24
CA THR B 148 30.41 -2.80 0.00
C THR B 148 29.54 -3.83 -0.71
N GLU B 149 29.70 -3.97 -2.02
CA GLU B 149 28.95 -4.96 -2.80
C GLU B 149 29.64 -5.39 -4.10
N SER B 150 29.19 -6.51 -4.62
CA SER B 150 29.67 -7.11 -5.86
C SER B 150 28.37 -7.36 -6.59
N LEU B 151 28.43 -7.65 -7.90
CA LEU B 151 27.20 -7.92 -8.62
C LEU B 151 26.47 -9.10 -7.94
N ALA B 152 27.23 -10.04 -7.37
CA ALA B 152 26.67 -11.22 -6.70
C ALA B 152 25.73 -10.81 -5.58
N LEU B 153 26.23 -10.02 -4.65
CA LEU B 153 25.47 -9.52 -3.52
C LEU B 153 24.30 -8.67 -4.01
N VAL B 154 24.56 -7.81 -4.98
CA VAL B 154 23.53 -6.96 -5.55
C VAL B 154 22.33 -7.79 -6.01
N ILE B 155 22.59 -8.84 -6.76
CA ILE B 155 21.52 -9.70 -7.26
C ILE B 155 20.71 -10.29 -6.11
N ASP B 156 21.37 -10.70 -5.04
CA ASP B 156 20.71 -11.30 -3.88
C ASP B 156 19.62 -10.42 -3.35
N ARG B 157 19.98 -9.16 -3.08
CA ARG B 157 19.04 -8.16 -2.57
C ARG B 157 18.02 -7.63 -3.63
N LEU B 158 18.37 -7.70 -4.91
CA LEU B 158 17.48 -7.21 -5.94
C LEU B 158 16.35 -8.18 -6.25
N LEU B 159 16.66 -9.47 -6.30
CA LEU B 159 15.66 -10.49 -6.64
C LEU B 159 14.34 -10.53 -5.85
N PRO B 160 14.39 -10.38 -4.52
CA PRO B 160 13.13 -10.41 -3.76
C PRO B 160 12.16 -9.35 -4.21
N TYR B 161 12.68 -8.15 -4.43
CA TYR B 161 11.89 -7.01 -4.86
C TYR B 161 11.25 -7.29 -6.19
N TRP B 162 11.99 -7.95 -7.05
CA TRP B 162 11.49 -8.32 -8.37
C TRP B 162 10.45 -9.44 -8.24
N GLN B 163 10.73 -10.38 -7.34
CA GLN B 163 9.88 -11.55 -7.10
C GLN B 163 8.49 -11.27 -6.52
N ASP B 164 8.45 -10.41 -5.50
CA ASP B 164 7.22 -10.04 -4.84
C ASP B 164 6.55 -8.80 -5.42
N VAL B 165 7.25 -7.67 -5.30
CA VAL B 165 6.77 -6.38 -5.76
C VAL B 165 6.67 -6.13 -7.28
N ILE B 166 7.78 -6.12 -8.01
CA ILE B 166 7.70 -5.88 -9.46
C ILE B 166 6.87 -6.91 -10.20
N ALA B 167 7.08 -8.19 -9.84
CA ALA B 167 6.35 -9.30 -10.46
C ALA B 167 4.82 -9.19 -10.34
N LYS B 168 4.32 -8.79 -9.16
CA LYS B 168 2.88 -8.67 -8.98
C LYS B 168 2.28 -7.77 -10.04
N ASP B 169 2.93 -6.62 -10.31
CA ASP B 169 2.43 -5.74 -11.36
C ASP B 169 2.51 -6.35 -12.75
N LEU B 170 3.61 -7.01 -13.07
CA LEU B 170 3.80 -7.63 -14.37
C LEU B 170 2.72 -8.68 -14.57
N LEU B 171 2.52 -9.49 -13.53
CA LEU B 171 1.52 -10.54 -13.53
C LEU B 171 0.09 -10.00 -13.56
N SER B 172 -0.08 -8.73 -13.18
CA SER B 172 -1.39 -8.08 -13.19
C SER B 172 -1.70 -7.48 -14.56
N GLY B 173 -0.74 -7.49 -15.48
CA GLY B 173 -0.98 -6.96 -16.81
C GLY B 173 -0.40 -5.58 -17.10
N LYS B 174 0.10 -4.92 -16.07
CA LYS B 174 0.72 -3.59 -16.18
C LYS B 174 2.06 -3.62 -16.93
N THR B 175 2.41 -2.53 -17.59
CA THR B 175 3.70 -2.42 -18.30
C THR B 175 4.58 -1.68 -17.31
N VAL B 176 5.73 -2.24 -16.94
CA VAL B 176 6.53 -1.53 -15.96
C VAL B 176 7.85 -0.94 -16.45
N MET B 177 8.21 0.20 -15.89
CA MET B 177 9.44 0.86 -16.24
C MET B 177 10.31 0.84 -15.01
N ILE B 178 11.58 0.51 -15.20
CA ILE B 178 12.49 0.49 -14.08
C ILE B 178 13.63 1.46 -14.37
N ALA B 179 13.64 2.58 -13.67
CA ALA B 179 14.71 3.55 -13.86
C ALA B 179 15.75 3.16 -12.80
N ALA B 180 16.88 2.62 -13.24
CA ALA B 180 17.88 2.20 -12.29
C ALA B 180 19.33 2.47 -12.71
N HIS B 181 20.24 1.62 -12.24
CA HIS B 181 21.67 1.77 -12.48
C HIS B 181 22.34 0.69 -13.28
N GLY B 182 23.65 0.80 -13.43
CA GLY B 182 24.39 -0.19 -14.21
C GLY B 182 24.40 -1.60 -13.64
N ASN B 183 24.95 -1.76 -12.44
CA ASN B 183 25.00 -3.05 -11.80
C ASN B 183 23.63 -3.62 -11.44
N SER B 184 22.74 -2.78 -10.92
CA SER B 184 21.40 -3.24 -10.58
C SER B 184 20.68 -3.75 -11.84
N LEU B 185 20.76 -3.00 -12.95
CA LEU B 185 20.10 -3.43 -14.19
C LEU B 185 20.80 -4.64 -14.78
N ARG B 186 22.13 -4.64 -14.72
CA ARG B 186 22.94 -5.78 -15.21
C ARG B 186 22.52 -7.06 -14.50
N GLY B 187 22.33 -6.96 -13.19
CA GLY B 187 21.91 -8.10 -12.40
C GLY B 187 20.55 -8.64 -12.83
N LEU B 188 19.61 -7.74 -13.12
CA LEU B 188 18.29 -8.18 -13.52
C LEU B 188 18.35 -8.82 -14.89
N VAL B 189 19.23 -8.32 -15.76
CA VAL B 189 19.36 -8.88 -17.10
C VAL B 189 19.96 -10.30 -17.06
N LYS B 190 21.06 -10.44 -16.32
CA LYS B 190 21.73 -11.74 -16.13
C LYS B 190 20.65 -12.75 -15.71
N HIS B 191 19.89 -12.39 -14.68
CA HIS B 191 18.81 -13.24 -14.19
C HIS B 191 17.72 -13.45 -15.22
N LEU B 192 17.30 -12.37 -15.87
CA LEU B 192 16.23 -12.43 -16.87
C LEU B 192 16.52 -13.31 -18.07
N GLU B 193 17.78 -13.30 -18.51
CA GLU B 193 18.17 -14.06 -19.69
C GLU B 193 18.89 -15.40 -19.49
N GLY B 194 19.47 -15.58 -18.31
CA GLY B 194 20.18 -16.82 -18.04
C GLY B 194 21.55 -16.70 -18.66
N ILE B 195 22.35 -15.80 -18.10
CA ILE B 195 23.71 -15.56 -18.54
C ILE B 195 24.57 -16.12 -17.42
N SER B 196 25.64 -16.83 -17.78
CA SER B 196 26.50 -17.42 -16.75
C SER B 196 27.13 -16.35 -15.86
N ASP B 197 27.66 -16.78 -14.73
CA ASP B 197 28.31 -15.87 -13.80
C ASP B 197 29.64 -15.39 -14.37
N ALA B 198 30.25 -16.21 -15.21
CA ALA B 198 31.53 -15.89 -15.84
C ALA B 198 31.35 -14.96 -17.05
N ASP B 199 30.17 -15.01 -17.68
CA ASP B 199 29.87 -14.17 -18.83
C ASP B 199 29.30 -12.79 -18.47
N ILE B 200 28.65 -12.68 -17.33
CA ILE B 200 28.03 -11.40 -16.96
C ILE B 200 28.98 -10.19 -16.98
N ALA B 201 30.26 -10.44 -16.76
CA ALA B 201 31.25 -9.36 -16.77
C ALA B 201 31.38 -8.65 -18.11
N LYS B 202 30.90 -9.28 -19.18
CA LYS B 202 31.02 -8.71 -20.52
C LYS B 202 29.84 -7.86 -20.99
N LEU B 203 28.69 -7.98 -20.34
CA LEU B 203 27.49 -7.24 -20.74
C LEU B 203 27.38 -5.86 -20.14
N ASN B 204 27.23 -4.84 -20.97
CA ASN B 204 27.02 -3.53 -20.40
C ASN B 204 25.82 -2.88 -21.04
N ILE B 205 24.96 -2.35 -20.18
CA ILE B 205 23.74 -1.69 -20.59
C ILE B 205 24.07 -0.22 -20.84
N PRO B 206 23.83 0.26 -22.07
CA PRO B 206 24.09 1.65 -22.43
C PRO B 206 23.12 2.58 -21.73
N THR B 207 23.57 3.78 -21.39
CA THR B 207 22.73 4.76 -20.71
C THR B 207 21.80 5.52 -21.67
N GLY B 208 20.55 5.78 -21.26
CA GLY B 208 19.65 6.56 -22.10
C GLY B 208 18.85 5.91 -23.23
N ILE B 209 18.83 4.59 -23.29
CA ILE B 209 18.07 3.90 -24.35
C ILE B 209 17.25 2.80 -23.69
N PRO B 210 15.91 2.98 -23.66
CA PRO B 210 15.00 2.01 -23.05
C PRO B 210 15.21 0.63 -23.63
N LEU B 211 15.38 -0.36 -22.75
CA LEU B 211 15.58 -1.74 -23.14
C LEU B 211 14.25 -2.42 -22.78
N VAL B 212 13.56 -2.98 -23.76
CA VAL B 212 12.29 -3.61 -23.53
C VAL B 212 12.41 -5.13 -23.57
N PHE B 213 11.61 -5.80 -22.74
CA PHE B 213 11.55 -7.25 -22.67
C PHE B 213 10.07 -7.61 -22.70
N GLU B 214 9.70 -8.46 -23.65
CA GLU B 214 8.33 -8.94 -23.75
C GLU B 214 8.40 -10.30 -23.06
N LEU B 215 7.86 -10.34 -21.85
CA LEU B 215 7.88 -11.55 -21.05
C LEU B 215 6.62 -12.40 -21.19
N ASP B 216 6.77 -13.70 -20.94
CA ASP B 216 5.66 -14.64 -20.99
C ASP B 216 5.11 -14.74 -19.57
N GLU B 217 4.14 -15.64 -19.40
CA GLU B 217 3.47 -15.89 -18.11
C GLU B 217 4.43 -16.30 -16.99
N ASN B 218 5.61 -16.79 -17.37
CA ASN B 218 6.60 -17.24 -16.41
C ASN B 218 7.66 -16.17 -16.21
N LEU B 219 7.40 -14.96 -16.71
CA LEU B 219 8.33 -13.83 -16.58
C LEU B 219 9.69 -14.08 -17.24
N LYS B 220 9.65 -14.65 -18.44
CA LYS B 220 10.86 -14.94 -19.20
C LYS B 220 10.65 -14.45 -20.62
N PRO B 221 11.72 -13.97 -21.27
CA PRO B 221 11.63 -13.47 -22.64
C PRO B 221 10.84 -14.39 -23.58
N SER B 222 9.75 -13.86 -24.15
CA SER B 222 8.91 -14.59 -25.11
C SER B 222 9.47 -14.32 -26.49
N LYS B 223 10.31 -13.29 -26.57
CA LYS B 223 11.00 -12.84 -27.78
C LYS B 223 12.25 -12.17 -27.23
N PRO B 224 13.27 -11.91 -28.07
CA PRO B 224 14.48 -11.26 -27.58
C PRO B 224 14.30 -9.79 -27.22
N SER B 225 15.02 -9.37 -26.18
CA SER B 225 15.01 -7.99 -25.70
C SER B 225 15.41 -7.01 -26.80
N TYR B 226 14.94 -5.77 -26.71
CA TYR B 226 15.28 -4.77 -27.71
C TYR B 226 15.36 -3.34 -27.20
N TYR B 227 16.33 -2.61 -27.73
CA TYR B 227 16.53 -1.21 -27.36
C TYR B 227 15.60 -0.41 -28.27
N LEU B 228 15.12 0.73 -27.78
CA LEU B 228 14.23 1.55 -28.59
C LEU B 228 14.98 2.40 -29.61
N ASP B 229 16.30 2.22 -29.64
CA ASP B 229 17.23 2.87 -30.55
C ASP B 229 18.31 1.81 -30.70
N PRO B 230 18.02 0.76 -31.50
CA PRO B 230 18.98 -0.33 -31.70
C PRO B 230 20.32 0.21 -32.24
N GLU B 231 20.24 1.23 -33.10
CA GLU B 231 21.43 1.83 -33.70
C GLU B 231 22.41 2.43 -32.68
N ALA B 232 21.94 3.36 -31.85
CA ALA B 232 22.80 4.00 -30.85
C ALA B 232 23.35 3.00 -29.85
N ALA B 233 22.48 2.11 -29.39
CA ALA B 233 22.85 1.09 -28.41
C ALA B 233 23.83 0.10 -29.00
N ALA B 234 23.71 -0.16 -30.31
CA ALA B 234 24.59 -1.10 -31.01
C ALA B 234 26.04 -0.66 -30.89
N ALA B 235 26.28 0.64 -31.07
CA ALA B 235 27.64 1.21 -31.01
C ALA B 235 28.55 0.54 -29.96
N GLY B 236 28.07 0.49 -28.71
CA GLY B 236 28.84 -0.11 -27.64
C GLY B 236 29.84 0.85 -27.00
N PRO C 1 -17.46 -6.93 -13.21
CA PRO C 1 -17.14 -6.91 -11.77
C PRO C 1 -18.21 -7.65 -10.96
N LYS C 2 -17.76 -8.37 -9.93
CA LYS C 2 -18.66 -9.12 -9.05
C LYS C 2 -18.35 -8.63 -7.62
N LEU C 3 -19.39 -8.32 -6.87
CA LEU C 3 -19.28 -7.81 -5.51
C LEU C 3 -20.21 -8.63 -4.61
N VAL C 4 -19.78 -8.91 -3.37
CA VAL C 4 -20.59 -9.68 -2.42
C VAL C 4 -20.71 -8.96 -1.10
N LEU C 5 -21.94 -8.75 -0.69
CA LEU C 5 -22.25 -8.07 0.56
C LEU C 5 -22.64 -9.08 1.64
N VAL C 6 -22.17 -8.87 2.87
CA VAL C 6 -22.50 -9.79 3.95
C VAL C 6 -22.79 -9.02 5.23
N ARG C 7 -24.02 -9.10 5.74
CA ARG C 7 -24.37 -8.42 6.97
C ARG C 7 -24.16 -9.37 8.13
N HIS C 8 -23.35 -8.95 9.10
CA HIS C 8 -23.05 -9.81 10.22
C HIS C 8 -24.32 -10.17 10.98
N GLY C 9 -24.27 -11.30 11.68
CA GLY C 9 -25.39 -11.76 12.48
C GLY C 9 -25.51 -10.85 13.69
N GLN C 10 -26.37 -11.24 14.62
CA GLN C 10 -26.62 -10.42 15.80
C GLN C 10 -25.48 -10.20 16.78
N SER C 11 -25.50 -9.00 17.38
CA SER C 11 -24.52 -8.56 18.38
C SER C 11 -24.98 -8.92 19.81
N GLU C 12 -24.05 -9.17 20.73
CA GLU C 12 -24.42 -9.44 22.12
C GLU C 12 -25.37 -8.36 22.66
N TRP C 13 -25.13 -7.11 22.27
CA TRP C 13 -26.00 -6.00 22.68
C TRP C 13 -27.35 -6.09 21.99
N ASN C 14 -27.34 -6.69 20.80
CA ASN C 14 -28.53 -6.88 20.00
C ASN C 14 -29.46 -7.89 20.67
N GLU C 15 -28.89 -8.93 21.27
CA GLU C 15 -29.66 -9.97 21.96
C GLU C 15 -30.30 -9.42 23.22
N LYS C 16 -29.72 -8.37 23.78
CA LYS C 16 -30.28 -7.74 24.96
C LYS C 16 -30.97 -6.40 24.67
N ASN C 17 -31.39 -6.21 23.44
CA ASN C 17 -32.14 -5.01 23.03
C ASN C 17 -31.44 -3.66 23.26
N LEU C 18 -30.14 -3.60 22.98
CA LEU C 18 -29.36 -2.37 23.17
C LEU C 18 -28.88 -1.79 21.85
N PHE C 19 -28.88 -0.47 21.74
CA PHE C 19 -28.41 0.22 20.52
C PHE C 19 -26.88 0.16 20.51
N THR C 20 -26.30 -0.49 19.50
CA THR C 20 -24.84 -0.65 19.42
C THR C 20 -24.06 0.50 18.75
N GLY C 21 -24.38 0.81 17.50
CA GLY C 21 -23.68 1.88 16.82
C GLY C 21 -22.20 1.55 16.64
N TRP C 22 -21.33 2.50 16.94
CA TRP C 22 -19.90 2.29 16.83
C TRP C 22 -19.32 1.61 18.06
N VAL C 23 -20.16 1.23 19.02
CA VAL C 23 -19.62 0.54 20.20
C VAL C 23 -19.08 -0.81 19.70
N ASP C 24 -17.87 -1.17 20.13
CA ASP C 24 -17.26 -2.42 19.67
C ASP C 24 -17.65 -3.69 20.44
N VAL C 25 -18.94 -4.03 20.29
CA VAL C 25 -19.52 -5.21 20.93
C VAL C 25 -19.19 -6.36 20.01
N LYS C 26 -19.18 -7.58 20.53
CA LYS C 26 -18.89 -8.71 19.66
C LYS C 26 -20.13 -9.48 19.31
N LEU C 27 -19.92 -10.44 18.42
CA LEU C 27 -20.95 -11.32 17.88
C LEU C 27 -21.61 -12.24 18.95
N SER C 28 -22.85 -12.64 18.70
CA SER C 28 -23.54 -13.53 19.62
C SER C 28 -23.25 -14.96 19.16
N ALA C 29 -23.59 -15.96 19.96
CA ALA C 29 -23.35 -17.34 19.59
C ALA C 29 -23.98 -17.69 18.24
N LYS C 30 -25.23 -17.24 18.01
CA LYS C 30 -25.91 -17.52 16.75
C LYS C 30 -25.36 -16.63 15.68
N GLY C 31 -24.87 -15.45 16.10
CA GLY C 31 -24.24 -14.53 15.16
C GLY C 31 -23.11 -15.28 14.47
N GLN C 32 -22.29 -15.97 15.30
CA GLN C 32 -21.17 -16.79 14.85
C GLN C 32 -21.58 -17.95 13.96
N GLN C 33 -22.76 -18.50 14.21
CA GLN C 33 -23.27 -19.61 13.41
C GLN C 33 -23.66 -19.10 12.04
N GLU C 34 -24.27 -17.92 11.98
CA GLU C 34 -24.67 -17.33 10.68
C GLU C 34 -23.43 -17.05 9.84
N ALA C 35 -22.35 -16.64 10.49
CA ALA C 35 -21.10 -16.38 9.78
C ALA C 35 -20.67 -17.66 9.04
N ALA C 36 -20.67 -18.78 9.76
CA ALA C 36 -20.31 -20.07 9.19
C ALA C 36 -21.25 -20.36 8.05
N ARG C 37 -22.54 -20.15 8.31
CA ARG C 37 -23.60 -20.35 7.31
C ARG C 37 -23.35 -19.48 6.07
N ALA C 38 -22.94 -18.24 6.30
CA ALA C 38 -22.66 -17.31 5.21
C ALA C 38 -21.47 -17.85 4.41
N GLY C 39 -20.39 -18.23 5.10
CA GLY C 39 -19.23 -18.78 4.40
C GLY C 39 -19.57 -20.08 3.67
N GLU C 40 -20.40 -20.90 4.30
CA GLU C 40 -20.88 -22.18 3.78
C GLU C 40 -21.55 -21.93 2.43
N LEU C 41 -22.43 -20.94 2.43
CA LEU C 41 -23.21 -20.52 1.27
C LEU C 41 -22.30 -19.98 0.18
N LEU C 42 -21.27 -19.24 0.58
CA LEU C 42 -20.27 -18.65 -0.34
C LEU C 42 -19.63 -19.80 -1.13
N LYS C 43 -19.23 -20.86 -0.42
CA LYS C 43 -18.61 -22.00 -1.08
C LYS C 43 -19.61 -22.73 -1.96
N GLU C 44 -20.75 -23.06 -1.37
CA GLU C 44 -21.82 -23.78 -2.07
C GLU C 44 -22.21 -23.16 -3.41
N LYS C 45 -22.40 -21.83 -3.42
CA LYS C 45 -22.83 -21.12 -4.63
C LYS C 45 -21.71 -20.72 -5.56
N LYS C 46 -20.50 -21.17 -5.25
CA LYS C 46 -19.30 -20.91 -6.06
C LYS C 46 -18.97 -19.43 -6.27
N VAL C 47 -19.00 -18.66 -5.19
CA VAL C 47 -18.66 -17.24 -5.25
C VAL C 47 -17.38 -17.08 -4.43
N TYR C 48 -16.28 -16.78 -5.12
CA TYR C 48 -14.99 -16.68 -4.44
C TYR C 48 -14.36 -15.30 -4.40
N PRO C 49 -14.52 -14.56 -3.27
CA PRO C 49 -13.89 -13.24 -3.27
C PRO C 49 -12.38 -13.29 -3.35
N ASP C 50 -11.80 -12.34 -4.08
CA ASP C 50 -10.36 -12.24 -4.23
C ASP C 50 -9.79 -11.29 -3.20
N VAL C 51 -10.64 -10.42 -2.67
CA VAL C 51 -10.23 -9.41 -1.68
C VAL C 51 -11.34 -9.23 -0.64
N LEU C 52 -10.99 -8.78 0.56
CA LEU C 52 -11.97 -8.55 1.61
C LEU C 52 -11.91 -7.13 2.17
N TYR C 53 -13.08 -6.53 2.39
CA TYR C 53 -13.13 -5.20 3.00
C TYR C 53 -14.04 -5.32 4.20
N THR C 54 -13.64 -4.74 5.32
CA THR C 54 -14.44 -4.77 6.52
C THR C 54 -14.37 -3.42 7.21
N SER C 55 -15.30 -3.19 8.12
CA SER C 55 -15.29 -1.98 8.92
C SER C 55 -14.23 -2.21 9.99
N LYS C 56 -14.19 -1.34 10.98
CA LYS C 56 -13.25 -1.48 12.09
C LYS C 56 -13.94 -2.09 13.33
N LEU C 57 -15.15 -2.59 13.16
CA LEU C 57 -15.91 -3.16 14.26
C LEU C 57 -15.77 -4.67 14.26
N SER C 58 -15.24 -5.19 15.36
CA SER C 58 -15.00 -6.62 15.60
C SER C 58 -16.13 -7.59 15.26
N ARG C 59 -17.38 -7.18 15.41
CA ARG C 59 -18.55 -8.02 15.08
C ARG C 59 -18.61 -8.34 13.56
N ALA C 60 -18.12 -7.40 12.74
CA ALA C 60 -18.08 -7.55 11.30
C ALA C 60 -16.82 -8.36 10.92
N ILE C 61 -15.68 -7.98 11.48
CA ILE C 61 -14.43 -8.68 11.21
C ILE C 61 -14.55 -10.19 11.54
N GLN C 62 -15.14 -10.53 12.68
CA GLN C 62 -15.35 -11.95 13.06
C GLN C 62 -16.14 -12.69 12.00
N THR C 63 -17.25 -12.08 11.60
CA THR C 63 -18.12 -12.66 10.60
C THR C 63 -17.31 -12.99 9.35
N ALA C 64 -16.59 -12.01 8.82
CA ALA C 64 -15.73 -12.16 7.65
C ALA C 64 -14.77 -13.35 7.85
N ASN C 65 -14.17 -13.41 9.04
CA ASN C 65 -13.23 -14.47 9.35
C ASN C 65 -13.81 -15.88 9.38
N ILE C 66 -14.87 -16.06 10.19
CA ILE C 66 -15.53 -17.36 10.31
C ILE C 66 -16.07 -17.75 8.95
N ALA C 67 -16.54 -16.77 8.20
CA ALA C 67 -17.09 -17.00 6.90
C ALA C 67 -16.04 -17.45 5.87
N LEU C 68 -14.90 -16.75 5.84
CA LEU C 68 -13.83 -17.11 4.91
C LEU C 68 -13.21 -18.48 5.27
N GLU C 69 -13.08 -18.76 6.56
CA GLU C 69 -12.54 -20.05 6.98
C GLU C 69 -13.35 -21.18 6.35
N LYS C 70 -14.67 -21.09 6.53
CA LYS C 70 -15.61 -22.06 5.97
C LYS C 70 -15.56 -22.06 4.46
N ALA C 71 -15.32 -20.90 3.86
CA ALA C 71 -15.26 -20.82 2.40
C ALA C 71 -13.90 -21.29 1.81
N ASP C 72 -12.90 -21.49 2.67
CA ASP C 72 -11.55 -21.93 2.29
C ASP C 72 -10.75 -20.86 1.53
N ARG C 73 -10.94 -19.61 1.91
CA ARG C 73 -10.26 -18.49 1.26
C ARG C 73 -9.79 -17.52 2.29
N LEU C 74 -9.19 -18.05 3.35
CA LEU C 74 -8.69 -17.21 4.43
C LEU C 74 -7.49 -16.40 4.00
N TRP C 75 -6.72 -16.94 3.07
CA TRP C 75 -5.50 -16.32 2.55
C TRP C 75 -5.66 -14.95 1.88
N ILE C 76 -6.91 -14.61 1.64
CA ILE C 76 -7.33 -13.39 0.99
C ILE C 76 -6.85 -12.06 1.59
N PRO C 77 -6.45 -11.09 0.74
CA PRO C 77 -6.01 -9.77 1.24
C PRO C 77 -7.18 -9.03 1.88
N VAL C 78 -6.92 -8.36 3.00
CA VAL C 78 -7.94 -7.68 3.80
C VAL C 78 -7.61 -6.20 4.07
N ASN C 79 -8.64 -5.34 3.99
CA ASN C 79 -8.48 -3.92 4.28
C ASN C 79 -9.66 -3.51 5.14
N ARG C 80 -9.45 -2.59 6.08
CA ARG C 80 -10.52 -2.16 6.98
C ARG C 80 -10.68 -0.64 6.95
N SER C 81 -11.91 -0.15 7.13
CA SER C 81 -12.15 1.29 7.10
C SER C 81 -13.25 1.74 8.03
N TRP C 82 -12.99 2.84 8.75
CA TRP C 82 -13.99 3.42 9.63
C TRP C 82 -15.19 3.78 8.74
N ARG C 83 -14.94 4.03 7.45
CA ARG C 83 -16.00 4.38 6.49
C ARG C 83 -17.08 3.34 6.20
N LEU C 84 -16.78 2.06 6.48
CA LEU C 84 -17.73 0.95 6.27
C LEU C 84 -18.41 0.55 7.61
N ASN C 85 -18.15 1.35 8.64
CA ASN C 85 -18.72 1.15 9.96
C ASN C 85 -20.22 1.31 9.96
N GLU C 86 -20.81 0.93 11.08
CA GLU C 86 -22.24 1.04 11.33
C GLU C 86 -22.50 2.53 11.52
N ARG C 87 -23.78 2.90 11.58
CA ARG C 87 -24.17 4.28 11.84
C ARG C 87 -23.86 4.60 13.30
N HIS C 88 -23.19 5.71 13.56
CA HIS C 88 -22.92 6.07 14.93
C HIS C 88 -24.29 6.38 15.53
N TYR C 89 -24.61 5.75 16.67
CA TYR C 89 -25.91 5.95 17.32
C TYR C 89 -26.06 7.08 18.35
N GLY C 90 -25.29 8.16 18.19
CA GLY C 90 -25.35 9.28 19.10
C GLY C 90 -25.52 8.93 20.57
N ASP C 91 -26.25 9.77 21.30
CA ASP C 91 -26.52 9.58 22.72
C ASP C 91 -27.32 8.28 22.97
N LEU C 92 -27.93 7.74 21.91
CA LEU C 92 -28.68 6.50 21.99
C LEU C 92 -27.82 5.26 22.21
N GLN C 93 -26.51 5.39 22.03
CA GLN C 93 -25.59 4.25 22.19
C GLN C 93 -25.56 3.63 23.59
N GLY C 94 -25.84 2.33 23.62
CA GLY C 94 -25.86 1.56 24.85
C GLY C 94 -27.20 1.57 25.57
N LYS C 95 -28.20 2.20 24.95
CA LYS C 95 -29.51 2.33 25.55
C LYS C 95 -30.53 1.32 25.06
N ASP C 96 -31.41 0.91 25.99
CA ASP C 96 -32.47 -0.05 25.75
C ASP C 96 -33.44 0.48 24.66
N LYS C 97 -33.78 -0.38 23.70
CA LYS C 97 -34.67 0.02 22.60
C LYS C 97 -36.13 0.12 22.99
N ALA C 98 -36.57 -0.74 23.92
CA ALA C 98 -37.95 -0.69 24.39
C ALA C 98 -38.04 0.58 25.23
N GLU C 99 -37.05 0.77 26.10
CA GLU C 99 -36.99 1.94 26.97
C GLU C 99 -36.85 3.26 26.22
N THR C 100 -36.12 3.28 25.11
CA THR C 100 -35.99 4.51 24.31
C THR C 100 -37.32 4.75 23.57
N LEU C 101 -38.09 3.68 23.35
CA LEU C 101 -39.37 3.82 22.68
C LEU C 101 -40.39 4.55 23.55
N LYS C 102 -40.20 4.47 24.87
CA LYS C 102 -41.08 5.15 25.82
C LYS C 102 -40.53 6.49 26.30
N LYS C 103 -39.22 6.68 26.18
CA LYS C 103 -38.61 7.95 26.58
C LYS C 103 -39.13 8.96 25.57
N PHE C 104 -38.84 8.70 24.30
CA PHE C 104 -39.31 9.54 23.21
C PHE C 104 -40.59 8.84 22.80
N GLY C 105 -41.21 9.29 21.73
CA GLY C 105 -42.42 8.63 21.28
C GLY C 105 -42.23 8.08 19.89
N GLU C 106 -42.97 7.04 19.56
CA GLU C 106 -42.94 6.36 18.25
C GLU C 106 -42.50 7.24 17.08
N GLU C 107 -43.07 8.44 17.04
CA GLU C 107 -42.75 9.44 16.02
C GLU C 107 -41.27 9.82 16.05
N LYS C 108 -40.81 10.33 17.20
CA LYS C 108 -39.44 10.76 17.40
C LYS C 108 -38.49 9.56 17.43
N PHE C 109 -39.03 8.40 17.80
CA PHE C 109 -38.26 7.16 17.87
C PHE C 109 -37.94 6.76 16.44
N ASN C 110 -38.96 6.66 15.60
CA ASN C 110 -38.74 6.29 14.22
C ASN C 110 -37.94 7.37 13.48
N THR C 111 -37.83 8.55 14.08
CA THR C 111 -37.03 9.63 13.50
C THR C 111 -35.56 9.36 13.86
N TYR C 112 -35.28 9.26 15.16
CA TYR C 112 -33.94 8.98 15.64
C TYR C 112 -33.46 7.62 15.14
N ARG C 113 -34.39 6.81 14.67
CA ARG C 113 -34.05 5.47 14.16
C ARG C 113 -34.04 5.34 12.62
N ARG C 114 -35.11 5.79 11.97
CA ARG C 114 -35.22 5.67 10.51
C ARG C 114 -35.32 6.99 9.71
N SER C 115 -35.05 8.12 10.36
CA SER C 115 -35.08 9.37 9.62
C SER C 115 -33.87 9.33 8.68
N PHE C 116 -34.09 9.48 7.39
CA PHE C 116 -32.96 9.46 6.46
C PHE C 116 -31.91 10.51 6.80
N ASP C 117 -32.33 11.66 7.32
CA ASP C 117 -31.39 12.71 7.64
C ASP C 117 -31.40 13.31 9.05
N VAL C 118 -32.14 12.70 9.98
CA VAL C 118 -32.17 13.22 11.33
C VAL C 118 -31.47 12.24 12.27
N PRO C 119 -30.24 12.55 12.63
CA PRO C 119 -29.46 11.70 13.50
C PRO C 119 -29.91 11.80 14.93
N PRO C 120 -29.57 10.78 15.74
CA PRO C 120 -29.93 10.80 17.15
C PRO C 120 -29.19 11.99 17.73
N PRO C 121 -29.42 12.29 19.00
CA PRO C 121 -28.68 13.44 19.53
C PRO C 121 -27.19 13.10 19.63
N PRO C 122 -26.33 14.13 19.66
CA PRO C 122 -24.88 13.87 19.77
C PRO C 122 -24.58 13.27 21.13
N ILE C 123 -23.70 12.28 21.16
CA ILE C 123 -23.36 11.67 22.45
C ILE C 123 -22.26 12.48 23.12
N ASP C 124 -22.41 12.66 24.42
CA ASP C 124 -21.44 13.41 25.20
C ASP C 124 -20.09 12.71 25.12
N ALA C 125 -19.03 13.49 24.96
CA ALA C 125 -17.66 12.98 24.87
C ALA C 125 -17.18 12.17 26.07
N SER C 126 -17.77 12.42 27.24
CA SER C 126 -17.39 11.71 28.45
C SER C 126 -18.16 10.42 28.71
N SER C 127 -19.27 10.24 28.01
CA SER C 127 -20.11 9.04 28.18
C SER C 127 -19.31 7.78 27.96
N PRO C 128 -19.56 6.74 28.76
CA PRO C 128 -18.85 5.47 28.66
C PRO C 128 -19.06 4.78 27.31
N PHE C 129 -19.99 5.29 26.49
CA PHE C 129 -20.28 4.67 25.19
C PHE C 129 -19.93 5.49 23.97
N SER C 130 -18.96 6.40 24.12
CA SER C 130 -18.46 7.23 23.03
C SER C 130 -17.07 6.66 22.73
N GLN C 131 -16.70 6.59 21.46
CA GLN C 131 -15.37 6.09 21.15
C GLN C 131 -14.52 7.20 20.57
N LYS C 132 -14.81 8.41 21.02
CA LYS C 132 -14.05 9.57 20.61
C LYS C 132 -12.65 9.39 21.22
N GLY C 133 -11.64 9.20 20.37
CA GLY C 133 -10.28 9.01 20.85
C GLY C 133 -9.91 7.54 20.91
N ASP C 134 -10.69 6.70 20.24
CA ASP C 134 -10.42 5.28 20.22
C ASP C 134 -9.17 4.94 19.40
N GLU C 135 -8.39 3.99 19.91
CA GLU C 135 -7.15 3.56 19.28
C GLU C 135 -7.24 3.26 17.79
N ARG C 136 -8.31 2.57 17.37
CA ARG C 136 -8.46 2.22 15.98
C ARG C 136 -8.73 3.41 15.04
N TYR C 137 -8.91 4.61 15.58
CA TYR C 137 -9.16 5.81 14.76
C TYR C 137 -8.11 6.92 14.97
N LYS C 138 -6.98 6.59 15.58
CA LYS C 138 -5.94 7.60 15.89
C LYS C 138 -5.27 8.22 14.68
N TYR C 139 -5.32 7.52 13.56
CA TYR C 139 -4.71 8.02 12.34
C TYR C 139 -5.71 8.69 11.42
N VAL C 140 -6.97 8.76 11.82
CA VAL C 140 -8.00 9.39 10.99
C VAL C 140 -8.19 10.84 11.44
N ASP C 141 -8.48 11.75 10.50
CA ASP C 141 -8.70 13.16 10.88
C ASP C 141 -9.74 13.21 12.01
N PRO C 142 -9.34 13.63 13.23
CA PRO C 142 -10.24 13.71 14.38
C PRO C 142 -11.60 14.31 14.06
N ASN C 143 -11.58 15.37 13.28
CA ASN C 143 -12.78 16.12 12.88
C ASN C 143 -13.82 15.42 12.01
N VAL C 144 -13.44 14.42 11.23
CA VAL C 144 -14.42 13.74 10.38
C VAL C 144 -15.23 12.72 11.15
N LEU C 145 -14.61 12.14 12.18
CA LEU C 145 -15.22 11.12 13.03
C LEU C 145 -16.46 11.71 13.71
N PRO C 146 -17.63 11.10 13.46
CA PRO C 146 -18.91 11.54 14.02
C PRO C 146 -19.14 11.22 15.49
N GLU C 147 -20.08 11.96 16.06
CA GLU C 147 -20.52 11.77 17.42
C GLU C 147 -22.03 11.45 17.42
N THR C 148 -22.54 11.20 16.21
CA THR C 148 -23.91 10.80 15.88
C THR C 148 -23.99 10.72 14.37
N GLU C 149 -24.93 9.93 13.84
CA GLU C 149 -25.11 9.81 12.39
C GLU C 149 -26.52 9.39 11.98
N SER C 150 -26.83 9.61 10.71
CA SER C 150 -28.07 9.24 10.07
C SER C 150 -27.60 8.51 8.84
N LEU C 151 -28.48 7.78 8.15
CA LEU C 151 -28.05 7.09 6.95
C LEU C 151 -27.44 8.12 5.97
N ALA C 152 -27.97 9.34 5.97
CA ALA C 152 -27.51 10.43 5.09
C ALA C 152 -26.03 10.67 5.26
N LEU C 153 -25.63 10.95 6.50
CA LEU C 153 -24.25 11.19 6.86
C LEU C 153 -23.38 9.97 6.58
N VAL C 154 -23.91 8.80 6.93
CA VAL C 154 -23.21 7.56 6.69
C VAL C 154 -22.81 7.42 5.21
N ILE C 155 -23.77 7.65 4.32
CA ILE C 155 -23.50 7.51 2.90
C ILE C 155 -22.39 8.47 2.45
N ASP C 156 -22.39 9.69 2.98
CA ASP C 156 -21.38 10.70 2.63
C ASP C 156 -19.97 10.18 2.85
N ARG C 157 -19.72 9.64 4.04
CA ARG C 157 -18.42 9.08 4.41
C ARG C 157 -18.13 7.72 3.77
N LEU C 158 -19.15 6.96 3.39
CA LEU C 158 -18.94 5.65 2.80
C LEU C 158 -18.55 5.74 1.34
N LEU C 159 -19.18 6.65 0.60
CA LEU C 159 -18.93 6.76 -0.83
C LEU C 159 -17.48 6.96 -1.32
N PRO C 160 -16.70 7.81 -0.65
CA PRO C 160 -15.33 7.99 -1.12
C PRO C 160 -14.53 6.69 -1.11
N TYR C 161 -14.71 5.91 -0.06
CA TYR C 161 -14.02 4.63 0.12
C TYR C 161 -14.41 3.70 -1.01
N TRP C 162 -15.67 3.73 -1.35
CA TRP C 162 -16.18 2.90 -2.44
C TRP C 162 -15.64 3.41 -3.79
N GLN C 163 -15.57 4.73 -3.93
CA GLN C 163 -15.15 5.40 -5.16
C GLN C 163 -13.69 5.22 -5.53
N ASP C 164 -12.82 5.37 -4.56
CA ASP C 164 -11.38 5.24 -4.76
C ASP C 164 -10.85 3.82 -4.52
N VAL C 165 -11.01 3.37 -3.26
CA VAL C 165 -10.53 2.06 -2.81
C VAL C 165 -11.27 0.81 -3.30
N ILE C 166 -12.53 0.61 -2.91
CA ILE C 166 -13.22 -0.59 -3.37
C ILE C 166 -13.37 -0.67 -4.90
N ALA C 167 -13.66 0.46 -5.54
CA ALA C 167 -13.80 0.51 -7.01
C ALA C 167 -12.55 0.11 -7.77
N LYS C 168 -11.37 0.52 -7.30
CA LYS C 168 -10.14 0.15 -7.99
C LYS C 168 -10.04 -1.35 -8.12
N ASP C 169 -10.37 -2.08 -7.05
CA ASP C 169 -10.34 -3.54 -7.13
C ASP C 169 -11.40 -4.12 -8.07
N LEU C 170 -12.62 -3.60 -8.00
CA LEU C 170 -13.70 -4.06 -8.88
C LEU C 170 -13.31 -3.83 -10.33
N LEU C 171 -12.79 -2.64 -10.62
CA LEU C 171 -12.34 -2.24 -11.95
C LEU C 171 -11.11 -3.03 -12.40
N SER C 172 -10.39 -3.64 -11.45
CA SER C 172 -9.22 -4.46 -11.76
C SER C 172 -9.60 -5.91 -12.07
N GLY C 173 -10.87 -6.27 -11.89
CA GLY C 173 -11.30 -7.62 -12.19
C GLY C 173 -11.52 -8.55 -11.00
N LYS C 174 -11.11 -8.10 -9.82
CA LYS C 174 -11.25 -8.85 -8.58
C LYS C 174 -12.73 -8.97 -8.12
N THR C 175 -13.05 -10.03 -7.39
CA THR C 175 -14.42 -10.22 -6.85
C THR C 175 -14.27 -9.74 -5.42
N VAL C 176 -15.09 -8.77 -4.99
CA VAL C 176 -14.90 -8.29 -3.62
C VAL C 176 -16.01 -8.63 -2.64
N MET C 177 -15.62 -8.86 -1.39
CA MET C 177 -16.58 -9.18 -0.36
C MET C 177 -16.50 -8.05 0.63
N ILE C 178 -17.66 -7.58 1.08
CA ILE C 178 -17.68 -6.51 2.05
C ILE C 178 -18.42 -7.01 3.27
N ALA C 179 -17.70 -7.24 4.37
CA ALA C 179 -18.33 -7.69 5.60
C ALA C 179 -18.62 -6.39 6.35
N ALA C 180 -19.89 -6.01 6.45
CA ALA C 180 -20.21 -4.77 7.13
C ALA C 180 -21.46 -4.82 8.00
N HIS C 181 -22.12 -3.67 8.11
CA HIS C 181 -23.28 -3.52 8.96
C HIS C 181 -24.58 -3.19 8.27
N GLY C 182 -25.64 -2.99 9.06
CA GLY C 182 -26.94 -2.67 8.50
C GLY C 182 -27.02 -1.36 7.73
N ASN C 183 -26.77 -0.26 8.44
CA ASN C 183 -26.84 1.06 7.80
C ASN C 183 -25.76 1.26 6.74
N SER C 184 -24.52 0.84 7.03
CA SER C 184 -23.47 0.97 6.05
C SER C 184 -23.80 0.20 4.78
N LEU C 185 -24.30 -1.03 4.91
CA LEU C 185 -24.65 -1.82 3.72
C LEU C 185 -25.89 -1.24 3.03
N ARG C 186 -26.86 -0.80 3.82
CA ARG C 186 -28.08 -0.18 3.31
C ARG C 186 -27.73 1.01 2.44
N GLY C 187 -26.80 1.82 2.93
CA GLY C 187 -26.36 2.99 2.19
C GLY C 187 -25.72 2.64 0.87
N LEU C 188 -24.92 1.58 0.83
CA LEU C 188 -24.29 1.19 -0.41
C LEU C 188 -25.32 0.65 -1.38
N VAL C 189 -26.35 -0.01 -0.86
CA VAL C 189 -27.39 -0.56 -1.73
C VAL C 189 -28.25 0.57 -2.36
N LYS C 190 -28.67 1.52 -1.54
CA LYS C 190 -29.45 2.67 -1.97
C LYS C 190 -28.70 3.30 -3.15
N HIS C 191 -27.41 3.56 -2.94
CA HIS C 191 -26.56 4.13 -3.95
C HIS C 191 -26.41 3.22 -5.15
N LEU C 192 -26.17 1.94 -4.90
CA LEU C 192 -25.96 0.97 -5.97
C LEU C 192 -27.15 0.78 -6.91
N GLU C 193 -28.35 0.83 -6.34
CA GLU C 193 -29.55 0.61 -7.12
C GLU C 193 -30.36 1.84 -7.54
N GLY C 194 -30.16 2.95 -6.85
CA GLY C 194 -30.90 4.15 -7.20
C GLY C 194 -32.27 4.04 -6.58
N ILE C 195 -32.29 4.08 -5.25
CA ILE C 195 -33.51 4.01 -4.47
C ILE C 195 -33.66 5.42 -3.90
N SER C 196 -34.89 5.95 -3.91
CA SER C 196 -35.10 7.30 -3.41
C SER C 196 -34.76 7.43 -1.95
N ASP C 197 -34.61 8.66 -1.49
CA ASP C 197 -34.29 8.94 -0.10
C ASP C 197 -35.48 8.61 0.81
N ALA C 198 -36.68 8.72 0.25
CA ALA C 198 -37.91 8.44 0.97
C ALA C 198 -38.21 6.94 1.04
N ASP C 199 -37.69 6.18 0.07
CA ASP C 199 -37.90 4.75 0.03
C ASP C 199 -36.86 3.95 0.80
N ILE C 200 -35.66 4.48 0.96
CA ILE C 200 -34.62 3.73 1.65
C ILE C 200 -34.98 3.22 3.04
N ALA C 201 -35.89 3.90 3.70
CA ALA C 201 -36.32 3.49 5.04
C ALA C 201 -37.00 2.12 5.07
N LYS C 202 -37.46 1.64 3.92
CA LYS C 202 -38.16 0.36 3.85
C LYS C 202 -37.30 -0.87 3.55
N LEU C 203 -36.08 -0.66 3.07
CA LEU C 203 -35.19 -1.78 2.72
C LEU C 203 -34.35 -2.28 3.87
N ASN C 204 -34.42 -3.56 4.17
CA ASN C 204 -33.54 -4.08 5.21
C ASN C 204 -32.82 -5.30 4.69
N ILE C 205 -31.52 -5.30 4.92
CA ILE C 205 -30.64 -6.38 4.49
C ILE C 205 -30.59 -7.41 5.61
N PRO C 206 -31.01 -8.65 5.32
CA PRO C 206 -31.00 -9.73 6.30
C PRO C 206 -29.57 -10.13 6.68
N THR C 207 -29.37 -10.53 7.93
CA THR C 207 -28.05 -10.95 8.41
C THR C 207 -27.68 -12.39 8.02
N GLY C 208 -26.42 -12.64 7.65
CA GLY C 208 -25.99 -14.00 7.31
C GLY C 208 -26.27 -14.60 5.93
N ILE C 209 -26.68 -13.78 4.96
CA ILE C 209 -26.92 -14.31 3.61
C ILE C 209 -26.25 -13.39 2.62
N PRO C 210 -25.17 -13.87 1.97
CA PRO C 210 -24.42 -13.07 1.00
C PRO C 210 -25.33 -12.52 -0.08
N LEU C 211 -25.22 -11.22 -0.31
CA LEU C 211 -26.00 -10.55 -1.33
C LEU C 211 -24.98 -10.25 -2.44
N VAL C 212 -25.21 -10.78 -3.63
CA VAL C 212 -24.29 -10.58 -4.74
C VAL C 212 -24.85 -9.60 -5.77
N PHE C 213 -23.96 -8.82 -6.37
CA PHE C 213 -24.30 -7.85 -7.40
C PHE C 213 -23.31 -8.07 -8.53
N GLU C 214 -23.82 -8.30 -9.73
CA GLU C 214 -23.00 -8.46 -10.91
C GLU C 214 -23.05 -7.07 -11.55
N LEU C 215 -21.94 -6.36 -11.42
CA LEU C 215 -21.83 -5.01 -11.92
C LEU C 215 -21.23 -4.92 -13.32
N ASP C 216 -21.58 -3.86 -14.04
CA ASP C 216 -21.03 -3.62 -15.36
C ASP C 216 -19.82 -2.71 -15.20
N GLU C 217 -19.25 -2.29 -16.33
CA GLU C 217 -18.07 -1.42 -16.40
C GLU C 217 -18.25 -0.08 -15.66
N ASN C 218 -19.50 0.32 -15.50
CA ASN C 218 -19.81 1.57 -14.82
C ASN C 218 -20.18 1.34 -13.36
N LEU C 219 -19.93 0.12 -12.87
CA LEU C 219 -20.23 -0.24 -11.48
C LEU C 219 -21.72 -0.16 -11.11
N LYS C 220 -22.57 -0.65 -12.00
CA LYS C 220 -24.02 -0.64 -11.81
C LYS C 220 -24.53 -2.02 -12.16
N PRO C 221 -25.58 -2.47 -11.47
CA PRO C 221 -26.17 -3.78 -11.72
C PRO C 221 -26.40 -4.08 -13.20
N SER C 222 -25.75 -5.15 -13.69
CA SER C 222 -25.89 -5.60 -15.08
C SER C 222 -27.06 -6.56 -15.13
N LYS C 223 -27.44 -7.04 -13.95
CA LYS C 223 -28.53 -7.98 -13.71
C LYS C 223 -28.95 -7.65 -12.28
N PRO C 224 -30.14 -8.12 -11.83
CA PRO C 224 -30.58 -7.82 -10.47
C PRO C 224 -29.79 -8.58 -9.39
N SER C 225 -29.61 -7.91 -8.25
CA SER C 225 -28.91 -8.48 -7.10
C SER C 225 -29.57 -9.77 -6.61
N TYR C 226 -28.79 -10.65 -5.99
CA TYR C 226 -29.34 -11.91 -5.48
C TYR C 226 -28.68 -12.43 -4.22
N TYR C 227 -29.50 -12.99 -3.35
CA TYR C 227 -29.01 -13.57 -2.12
C TYR C 227 -28.62 -14.99 -2.47
N LEU C 228 -27.62 -15.53 -1.76
CA LEU C 228 -27.19 -16.90 -2.02
C LEU C 228 -28.11 -17.95 -1.37
N ASP C 229 -29.18 -17.45 -0.74
CA ASP C 229 -30.23 -18.26 -0.10
C ASP C 229 -31.46 -17.35 -0.28
N PRO C 230 -32.01 -17.34 -1.49
CA PRO C 230 -33.18 -16.50 -1.78
C PRO C 230 -34.34 -16.80 -0.84
N GLU C 231 -34.48 -18.09 -0.49
CA GLU C 231 -35.55 -18.56 0.38
C GLU C 231 -35.52 -17.95 1.78
N ALA C 232 -34.40 -18.10 2.49
CA ALA C 232 -34.28 -17.57 3.85
C ALA C 232 -34.40 -16.05 3.83
N ALA C 233 -33.87 -15.44 2.76
CA ALA C 233 -33.93 -13.99 2.55
C ALA C 233 -35.38 -13.51 2.49
N ALA C 234 -36.26 -14.41 2.04
CA ALA C 234 -37.68 -14.16 1.92
C ALA C 234 -38.41 -14.75 3.13
N PRO D 1 11.22 -1.26 19.67
CA PRO D 1 10.49 -2.20 18.80
C PRO D 1 10.08 -3.41 19.61
N LYS D 2 8.87 -3.90 19.38
CA LYS D 2 8.34 -5.07 20.07
C LYS D 2 7.70 -6.03 19.03
N LEU D 3 8.18 -7.28 19.01
CA LEU D 3 7.69 -8.30 18.09
C LEU D 3 7.11 -9.47 18.90
N VAL D 4 5.95 -9.97 18.50
CA VAL D 4 5.32 -11.08 19.19
C VAL D 4 5.07 -12.17 18.18
N LEU D 5 5.69 -13.33 18.40
CA LEU D 5 5.53 -14.47 17.49
C LEU D 5 4.54 -15.45 18.10
N VAL D 6 3.82 -16.15 17.23
CA VAL D 6 2.84 -17.13 17.67
C VAL D 6 2.78 -18.26 16.69
N ARG D 7 3.21 -19.44 17.13
CA ARG D 7 3.18 -20.63 16.29
C ARG D 7 1.83 -21.30 16.42
N HIS D 8 1.23 -21.63 15.30
CA HIS D 8 -0.08 -22.26 15.34
C HIS D 8 -0.03 -23.63 16.01
N GLY D 9 -1.17 -24.05 16.55
CA GLY D 9 -1.28 -25.34 17.19
C GLY D 9 -1.45 -26.46 16.18
N GLN D 10 -2.06 -27.55 16.62
CA GLN D 10 -2.23 -28.71 15.76
C GLN D 10 -3.22 -28.62 14.63
N SER D 11 -2.84 -29.19 13.49
CA SER D 11 -3.69 -29.20 12.30
C SER D 11 -4.34 -30.59 12.22
N GLU D 12 -5.33 -30.78 11.36
CA GLU D 12 -5.94 -32.08 11.26
C GLU D 12 -5.05 -33.09 10.55
N TRP D 13 -3.90 -32.63 10.07
CA TRP D 13 -2.95 -33.51 9.42
C TRP D 13 -1.90 -34.00 10.41
N ASN D 14 -1.41 -33.11 11.27
CA ASN D 14 -0.44 -33.50 12.27
C ASN D 14 -1.16 -34.55 13.14
N GLU D 15 -2.44 -34.25 13.41
CA GLU D 15 -3.37 -35.07 14.20
C GLU D 15 -3.50 -36.50 13.64
N LYS D 16 -3.37 -36.61 12.32
CA LYS D 16 -3.45 -37.86 11.59
C LYS D 16 -2.08 -38.36 11.12
N ASN D 17 -1.02 -37.85 11.74
CA ASN D 17 0.36 -38.28 11.42
C ASN D 17 0.81 -38.01 9.98
N LEU D 18 0.48 -36.83 9.46
CA LEU D 18 0.85 -36.49 8.09
C LEU D 18 1.75 -35.24 8.04
N PHE D 19 2.77 -35.28 7.19
CA PHE D 19 3.64 -34.11 7.04
C PHE D 19 2.75 -33.07 6.35
N THR D 20 2.93 -31.80 6.67
CA THR D 20 2.10 -30.77 6.03
C THR D 20 2.83 -29.86 5.03
N GLY D 21 3.85 -29.16 5.51
CA GLY D 21 4.61 -28.29 4.65
C GLY D 21 3.74 -27.14 4.20
N TRP D 22 3.55 -27.05 2.90
CA TRP D 22 2.77 -26.02 2.23
C TRP D 22 1.34 -26.42 1.88
N VAL D 23 0.90 -27.60 2.28
CA VAL D 23 -0.48 -27.98 2.00
C VAL D 23 -1.32 -27.14 2.97
N ASP D 24 -2.46 -26.65 2.49
CA ASP D 24 -3.28 -25.76 3.30
C ASP D 24 -4.27 -26.49 4.20
N VAL D 25 -3.72 -27.35 5.05
CA VAL D 25 -4.52 -28.13 5.97
C VAL D 25 -5.14 -27.24 7.04
N LYS D 26 -6.33 -27.63 7.42
CA LYS D 26 -7.12 -26.94 8.42
C LYS D 26 -6.53 -27.15 9.83
N LEU D 27 -6.90 -26.26 10.75
CA LEU D 27 -6.47 -26.32 12.14
C LEU D 27 -7.48 -27.22 12.87
N SER D 28 -6.99 -28.13 13.72
CA SER D 28 -7.84 -29.05 14.46
C SER D 28 -8.46 -28.33 15.65
N ALA D 29 -9.54 -28.91 16.20
CA ALA D 29 -10.24 -28.33 17.34
C ALA D 29 -9.28 -28.04 18.49
N LYS D 30 -8.19 -28.81 18.55
CA LYS D 30 -7.17 -28.64 19.60
C LYS D 30 -6.33 -27.38 19.30
N GLY D 31 -6.05 -27.17 18.02
CA GLY D 31 -5.27 -26.00 17.61
C GLY D 31 -6.05 -24.73 17.90
N GLN D 32 -7.34 -24.79 17.54
CA GLN D 32 -8.27 -23.69 17.77
C GLN D 32 -8.32 -23.26 19.24
N GLN D 33 -8.16 -24.22 20.16
CA GLN D 33 -8.16 -23.89 21.58
C GLN D 33 -6.86 -23.20 22.00
N GLU D 34 -5.74 -23.69 21.46
CA GLU D 34 -4.42 -23.14 21.74
C GLU D 34 -4.34 -21.68 21.26
N ALA D 35 -5.03 -21.38 20.17
CA ALA D 35 -5.05 -20.04 19.64
C ALA D 35 -5.80 -19.13 20.61
N ALA D 36 -6.96 -19.59 21.09
CA ALA D 36 -7.73 -18.79 22.05
C ALA D 36 -6.88 -18.54 23.28
N ARG D 37 -6.03 -19.52 23.61
CA ARG D 37 -5.13 -19.43 24.76
C ARG D 37 -4.06 -18.38 24.45
N ALA D 38 -3.57 -18.40 23.21
CA ALA D 38 -2.55 -17.44 22.76
C ALA D 38 -3.13 -16.01 22.85
N GLY D 39 -4.39 -15.86 22.44
CA GLY D 39 -5.04 -14.56 22.52
C GLY D 39 -5.24 -14.13 23.96
N GLU D 40 -5.53 -15.10 24.82
CA GLU D 40 -5.75 -14.84 26.23
C GLU D 40 -4.46 -14.35 26.92
N LEU D 41 -3.35 -15.00 26.59
CA LEU D 41 -2.04 -14.62 27.12
C LEU D 41 -1.69 -13.22 26.66
N LEU D 42 -1.96 -12.93 25.39
CA LEU D 42 -1.71 -11.62 24.83
C LEU D 42 -2.42 -10.57 25.69
N LYS D 43 -3.71 -10.78 25.92
CA LYS D 43 -4.50 -9.84 26.71
C LYS D 43 -4.06 -9.76 28.17
N GLU D 44 -3.90 -10.92 28.79
CA GLU D 44 -3.51 -11.01 30.19
C GLU D 44 -2.16 -10.36 30.50
N LYS D 45 -1.17 -10.57 29.63
CA LYS D 45 0.15 -9.99 29.86
C LYS D 45 0.35 -8.57 29.29
N LYS D 46 -0.67 -8.07 28.59
CA LYS D 46 -0.68 -6.72 27.98
C LYS D 46 0.22 -6.57 26.76
N VAL D 47 0.14 -7.53 25.87
CA VAL D 47 0.93 -7.52 24.65
C VAL D 47 -0.08 -7.09 23.60
N TYR D 48 -0.04 -5.80 23.28
CA TYR D 48 -0.97 -5.22 22.32
C TYR D 48 -0.43 -5.03 20.92
N PRO D 49 -0.62 -6.04 20.06
CA PRO D 49 -0.12 -5.89 18.69
C PRO D 49 -0.83 -4.76 17.99
N ASP D 50 -0.08 -4.04 17.15
CA ASP D 50 -0.60 -2.92 16.39
C ASP D 50 -0.84 -3.37 14.97
N VAL D 51 -0.05 -4.33 14.52
CA VAL D 51 -0.17 -4.86 13.15
C VAL D 51 -0.04 -6.37 13.19
N LEU D 52 -0.65 -7.06 12.25
CA LEU D 52 -0.57 -8.51 12.20
C LEU D 52 0.06 -9.01 10.90
N TYR D 53 1.02 -9.94 11.00
CA TYR D 53 1.61 -10.55 9.80
C TYR D 53 1.36 -12.03 9.87
N THR D 54 0.97 -12.63 8.75
CA THR D 54 0.70 -14.08 8.73
C THR D 54 1.21 -14.65 7.40
N SER D 55 1.14 -15.96 7.26
CA SER D 55 1.56 -16.58 6.02
C SER D 55 0.33 -16.64 5.12
N LYS D 56 0.41 -17.46 4.09
CA LYS D 56 -0.70 -17.69 3.17
C LYS D 56 -1.34 -19.05 3.59
N LEU D 57 -0.96 -19.56 4.75
CA LEU D 57 -1.53 -20.84 5.19
C LEU D 57 -2.62 -20.60 6.22
N SER D 58 -3.81 -21.12 5.93
CA SER D 58 -4.99 -20.96 6.80
C SER D 58 -4.81 -21.24 8.30
N ARG D 59 -4.06 -22.27 8.66
CA ARG D 59 -3.85 -22.58 10.08
C ARG D 59 -3.18 -21.44 10.84
N ALA D 60 -2.31 -20.70 10.16
CA ALA D 60 -1.66 -19.55 10.78
C ALA D 60 -2.70 -18.42 10.80
N ILE D 61 -3.42 -18.26 9.70
CA ILE D 61 -4.45 -17.21 9.59
C ILE D 61 -5.53 -17.38 10.67
N GLN D 62 -6.08 -18.58 10.77
CA GLN D 62 -7.08 -18.91 11.77
C GLN D 62 -6.56 -18.62 13.17
N THR D 63 -5.32 -19.02 13.44
CA THR D 63 -4.74 -18.78 14.75
C THR D 63 -4.83 -17.31 15.13
N ALA D 64 -4.36 -16.42 14.25
CA ALA D 64 -4.41 -14.97 14.47
C ALA D 64 -5.90 -14.55 14.56
N ASN D 65 -6.71 -15.08 13.65
CA ASN D 65 -8.15 -14.76 13.64
C ASN D 65 -8.82 -15.04 14.99
N ILE D 66 -8.36 -16.07 15.71
CA ILE D 66 -8.93 -16.42 17.02
C ILE D 66 -8.18 -15.72 18.15
N ALA D 67 -6.86 -15.71 18.05
CA ALA D 67 -6.04 -15.07 19.06
C ALA D 67 -6.44 -13.62 19.22
N LEU D 68 -6.54 -12.92 18.10
CA LEU D 68 -6.93 -11.50 18.07
C LEU D 68 -8.36 -11.24 18.60
N GLU D 69 -9.32 -12.14 18.30
CA GLU D 69 -10.69 -11.99 18.80
C GLU D 69 -10.69 -11.96 20.36
N LYS D 70 -9.91 -12.83 20.96
CA LYS D 70 -9.77 -12.94 22.41
C LYS D 70 -8.93 -11.80 22.98
N ALA D 71 -8.05 -11.24 22.14
CA ALA D 71 -7.21 -10.14 22.58
C ALA D 71 -7.93 -8.82 22.39
N ASP D 72 -9.10 -8.87 21.73
CA ASP D 72 -9.91 -7.68 21.43
C ASP D 72 -9.15 -6.68 20.58
N ARG D 73 -8.43 -7.18 19.58
CA ARG D 73 -7.65 -6.35 18.68
C ARG D 73 -7.81 -6.83 17.28
N LEU D 74 -9.03 -7.21 16.95
CA LEU D 74 -9.32 -7.77 15.65
C LEU D 74 -9.37 -6.70 14.52
N TRP D 75 -9.28 -5.44 14.91
CA TRP D 75 -9.32 -4.29 13.99
C TRP D 75 -7.97 -3.97 13.39
N ILE D 76 -6.93 -4.47 14.04
CA ILE D 76 -5.52 -4.32 13.66
C ILE D 76 -5.37 -4.67 12.18
N PRO D 77 -4.51 -3.94 11.42
CA PRO D 77 -4.26 -4.19 9.99
C PRO D 77 -3.61 -5.56 9.78
N VAL D 78 -4.07 -6.30 8.78
CA VAL D 78 -3.54 -7.64 8.47
C VAL D 78 -2.70 -7.66 7.19
N ASN D 79 -1.52 -8.26 7.24
CA ASN D 79 -0.62 -8.34 6.09
C ASN D 79 -0.19 -9.79 5.98
N ARG D 80 -0.26 -10.37 4.77
CA ARG D 80 0.15 -11.76 4.55
C ARG D 80 1.20 -11.92 3.49
N SER D 81 1.98 -12.99 3.61
CA SER D 81 3.08 -13.25 2.68
C SER D 81 3.48 -14.73 2.62
N TRP D 82 3.75 -15.22 1.42
CA TRP D 82 4.21 -16.57 1.24
C TRP D 82 5.53 -16.67 2.01
N ARG D 83 6.33 -15.60 2.00
CA ARG D 83 7.60 -15.62 2.70
C ARG D 83 7.59 -16.06 4.14
N LEU D 84 6.42 -16.13 4.76
CA LEU D 84 6.29 -16.53 6.15
C LEU D 84 5.75 -17.97 6.30
N ASN D 85 5.52 -18.64 5.17
CA ASN D 85 5.02 -20.00 5.09
C ASN D 85 5.99 -21.01 5.64
N GLU D 86 5.43 -22.11 6.10
CA GLU D 86 6.17 -23.23 6.68
C GLU D 86 7.11 -23.73 5.58
N ARG D 87 8.17 -24.43 5.98
CA ARG D 87 9.12 -25.00 5.06
C ARG D 87 8.31 -25.94 4.15
N HIS D 88 8.66 -25.99 2.86
CA HIS D 88 7.97 -26.84 1.91
C HIS D 88 8.57 -28.23 2.10
N TYR D 89 7.76 -29.21 2.49
CA TYR D 89 8.27 -30.57 2.75
C TYR D 89 8.53 -31.42 1.52
N GLY D 90 8.31 -30.84 0.36
CA GLY D 90 8.55 -31.54 -0.88
C GLY D 90 7.66 -32.76 -1.08
N ASP D 91 8.31 -33.87 -1.44
CA ASP D 91 7.65 -35.15 -1.70
C ASP D 91 7.02 -35.74 -0.45
N LEU D 92 7.54 -35.35 0.70
CA LEU D 92 7.05 -35.80 1.99
C LEU D 92 5.71 -35.21 2.42
N GLN D 93 5.16 -34.27 1.65
CA GLN D 93 3.92 -33.62 2.07
C GLN D 93 2.68 -34.48 2.32
N GLY D 94 2.22 -35.25 1.34
CA GLY D 94 1.07 -36.08 1.63
C GLY D 94 1.58 -37.43 2.13
N LYS D 95 2.44 -37.43 3.15
CA LYS D 95 3.01 -38.68 3.64
C LYS D 95 2.89 -38.95 5.13
N ASP D 96 2.47 -40.17 5.45
CA ASP D 96 2.32 -40.61 6.85
C ASP D 96 3.73 -40.58 7.41
N LYS D 97 3.88 -39.98 8.59
CA LYS D 97 5.21 -39.89 9.19
C LYS D 97 5.80 -41.27 9.57
N ALA D 98 5.02 -42.07 10.30
CA ALA D 98 5.47 -43.39 10.74
C ALA D 98 5.91 -44.26 9.56
N GLU D 99 5.28 -44.06 8.41
CA GLU D 99 5.65 -44.80 7.21
C GLU D 99 7.00 -44.34 6.66
N THR D 100 7.22 -43.03 6.56
CA THR D 100 8.50 -42.54 6.04
C THR D 100 9.67 -42.78 7.00
N LEU D 101 9.35 -43.00 8.26
CA LEU D 101 10.37 -43.28 9.27
C LEU D 101 10.85 -44.71 9.03
N LYS D 102 9.94 -45.54 8.54
CA LYS D 102 10.24 -46.93 8.26
C LYS D 102 10.87 -46.99 6.86
N LYS D 103 10.18 -46.44 5.87
CA LYS D 103 10.67 -46.40 4.50
C LYS D 103 12.14 -45.96 4.49
N PHE D 104 12.40 -44.79 5.08
CA PHE D 104 13.76 -44.26 5.15
C PHE D 104 14.32 -44.50 6.56
N GLY D 105 15.54 -45.00 6.64
CA GLY D 105 16.12 -45.23 7.95
C GLY D 105 16.72 -43.92 8.42
N GLU D 106 16.66 -43.66 9.73
CA GLU D 106 17.20 -42.46 10.38
C GLU D 106 18.06 -41.54 9.52
N GLU D 107 19.05 -42.13 8.84
CA GLU D 107 19.93 -41.39 7.94
C GLU D 107 19.14 -40.42 7.06
N LYS D 108 18.09 -40.91 6.42
CA LYS D 108 17.26 -40.07 5.58
C LYS D 108 16.18 -39.31 6.36
N PHE D 109 15.46 -40.01 7.24
CA PHE D 109 14.38 -39.39 8.02
C PHE D 109 14.80 -38.21 8.87
N ASN D 110 15.75 -38.42 9.78
CA ASN D 110 16.20 -37.34 10.66
C ASN D 110 16.80 -36.13 9.90
N THR D 111 17.50 -36.40 8.81
CA THR D 111 18.11 -35.31 8.04
C THR D 111 17.06 -34.41 7.39
N TYR D 112 16.15 -35.00 6.62
CA TYR D 112 15.09 -34.25 5.96
C TYR D 112 14.37 -33.35 6.96
N ARG D 113 14.24 -33.83 8.19
CA ARG D 113 13.56 -33.11 9.26
C ARG D 113 14.34 -32.00 9.97
N ARG D 114 15.63 -32.22 10.22
CA ARG D 114 16.45 -31.24 10.95
C ARG D 114 17.78 -30.80 10.34
N SER D 115 18.05 -31.27 9.13
CA SER D 115 19.26 -30.88 8.42
C SER D 115 18.98 -29.40 8.11
N PHE D 116 20.00 -28.58 8.20
CA PHE D 116 19.82 -27.16 7.92
C PHE D 116 20.06 -26.81 6.43
N ASP D 117 21.04 -27.46 5.83
CA ASP D 117 21.50 -27.22 4.46
C ASP D 117 20.89 -28.10 3.36
N VAL D 118 20.46 -29.32 3.68
CA VAL D 118 19.92 -30.23 2.65
C VAL D 118 18.42 -30.51 2.73
N PRO D 119 17.70 -30.23 1.62
CA PRO D 119 16.25 -30.40 1.48
C PRO D 119 15.71 -31.78 1.10
N PRO D 120 14.39 -31.97 1.34
CA PRO D 120 13.66 -33.21 1.05
C PRO D 120 13.58 -33.35 -0.46
N PRO D 121 13.03 -34.48 -0.95
CA PRO D 121 12.90 -34.72 -2.39
C PRO D 121 11.86 -33.77 -2.99
N PRO D 122 12.13 -33.23 -4.19
CA PRO D 122 11.11 -32.32 -4.75
C PRO D 122 9.82 -33.05 -5.07
N ILE D 123 8.68 -32.41 -4.77
CA ILE D 123 7.40 -33.01 -5.06
C ILE D 123 7.04 -32.66 -6.50
N ASP D 124 6.51 -33.63 -7.23
CA ASP D 124 6.12 -33.41 -8.61
C ASP D 124 4.81 -32.64 -8.74
N ALA D 125 4.68 -31.87 -9.84
CA ALA D 125 3.49 -31.08 -10.13
C ALA D 125 2.21 -31.92 -10.27
N SER D 126 2.37 -33.20 -10.59
CA SER D 126 1.24 -34.13 -10.74
C SER D 126 0.58 -34.50 -9.40
N SER D 127 1.40 -34.58 -8.35
CA SER D 127 0.95 -34.93 -7.00
C SER D 127 -0.21 -34.05 -6.54
N PRO D 128 -1.16 -34.66 -5.80
CA PRO D 128 -2.30 -33.87 -5.32
C PRO D 128 -1.91 -33.09 -4.09
N PHE D 129 -0.61 -33.07 -3.79
CA PHE D 129 -0.10 -32.35 -2.62
C PHE D 129 0.92 -31.30 -3.01
N SER D 130 0.93 -30.94 -4.29
CA SER D 130 1.84 -29.91 -4.84
C SER D 130 1.04 -28.63 -4.94
N GLN D 131 1.70 -27.50 -4.72
CA GLN D 131 1.06 -26.20 -4.80
C GLN D 131 1.35 -25.49 -6.10
N LYS D 132 2.24 -26.06 -6.93
CA LYS D 132 2.59 -25.46 -8.21
C LYS D 132 1.32 -24.97 -8.94
N GLY D 133 1.22 -23.66 -9.17
CA GLY D 133 0.05 -23.12 -9.85
C GLY D 133 -1.10 -22.74 -8.95
N ASP D 134 -0.88 -22.66 -7.65
CA ASP D 134 -1.95 -22.30 -6.73
C ASP D 134 -2.30 -20.81 -6.80
N GLU D 135 -3.61 -20.54 -6.78
CA GLU D 135 -4.19 -19.21 -6.85
C GLU D 135 -3.59 -18.15 -5.92
N ARG D 136 -3.38 -18.49 -4.66
CA ARG D 136 -2.87 -17.52 -3.72
C ARG D 136 -1.45 -17.07 -4.03
N TYR D 137 -0.78 -17.78 -4.95
CA TYR D 137 0.59 -17.43 -5.34
C TYR D 137 0.67 -17.08 -6.83
N LYS D 138 -0.44 -16.64 -7.44
CA LYS D 138 -0.40 -16.30 -8.88
C LYS D 138 0.20 -14.93 -9.17
N TYR D 139 0.36 -14.13 -8.13
CA TYR D 139 0.94 -12.81 -8.26
C TYR D 139 2.42 -12.78 -7.85
N VAL D 140 2.98 -13.96 -7.60
CA VAL D 140 4.38 -14.10 -7.23
C VAL D 140 5.07 -14.73 -8.44
N ASP D 141 6.33 -14.35 -8.65
CA ASP D 141 7.16 -14.89 -9.75
C ASP D 141 7.10 -16.44 -9.70
N PRO D 142 6.57 -17.09 -10.75
CA PRO D 142 6.49 -18.57 -10.73
C PRO D 142 7.83 -19.27 -10.46
N ASN D 143 8.94 -18.69 -10.91
CA ASN D 143 10.27 -19.29 -10.73
C ASN D 143 10.82 -19.30 -9.31
N VAL D 144 10.21 -18.56 -8.39
CA VAL D 144 10.74 -18.52 -7.02
C VAL D 144 10.12 -19.54 -6.10
N LEU D 145 8.88 -19.94 -6.40
CA LEU D 145 8.19 -20.89 -5.53
C LEU D 145 8.91 -22.22 -5.45
N PRO D 146 9.28 -22.62 -4.22
CA PRO D 146 9.99 -23.85 -3.90
C PRO D 146 9.14 -25.10 -3.97
N GLU D 147 9.79 -26.20 -4.34
CA GLU D 147 9.18 -27.52 -4.45
C GLU D 147 9.65 -28.39 -3.27
N THR D 148 10.63 -27.86 -2.53
CA THR D 148 11.21 -28.46 -1.35
C THR D 148 11.98 -27.36 -0.67
N GLU D 149 12.19 -27.48 0.64
CA GLU D 149 12.94 -26.46 1.35
C GLU D 149 13.65 -27.02 2.56
N SER D 150 14.82 -26.47 2.82
CA SER D 150 15.64 -26.79 3.98
C SER D 150 15.36 -25.57 4.85
N LEU D 151 15.79 -25.56 6.10
CA LEU D 151 15.56 -24.38 6.92
C LEU D 151 16.32 -23.25 6.22
N ALA D 152 17.54 -23.56 5.76
CA ALA D 152 18.43 -22.64 5.06
C ALA D 152 17.69 -21.83 4.01
N LEU D 153 16.98 -22.55 3.16
CA LEU D 153 16.20 -21.97 2.09
C LEU D 153 15.06 -21.09 2.64
N VAL D 154 14.40 -21.58 3.68
CA VAL D 154 13.32 -20.85 4.31
C VAL D 154 13.83 -19.51 4.84
N ILE D 155 14.92 -19.55 5.57
CA ILE D 155 15.50 -18.34 6.16
C ILE D 155 15.86 -17.37 5.04
N ASP D 156 16.20 -17.93 3.88
CA ASP D 156 16.61 -17.15 2.72
C ASP D 156 15.50 -16.38 2.02
N ARG D 157 14.35 -17.03 1.82
CA ARG D 157 13.24 -16.36 1.17
C ARG D 157 12.39 -15.56 2.17
N LEU D 158 12.63 -15.78 3.45
CA LEU D 158 11.93 -15.07 4.49
C LEU D 158 12.65 -13.77 4.82
N LEU D 159 13.98 -13.82 4.93
CA LEU D 159 14.72 -12.62 5.31
C LEU D 159 14.37 -11.27 4.64
N PRO D 160 14.20 -11.25 3.32
CA PRO D 160 13.86 -9.98 2.64
C PRO D 160 12.51 -9.35 2.99
N TYR D 161 11.58 -10.18 3.44
CA TYR D 161 10.26 -9.70 3.84
C TYR D 161 10.46 -9.05 5.19
N TRP D 162 11.21 -9.73 6.05
CA TRP D 162 11.53 -9.21 7.37
C TRP D 162 12.26 -7.87 7.27
N GLN D 163 13.29 -7.86 6.43
CA GLN D 163 14.17 -6.71 6.20
C GLN D 163 13.52 -5.42 5.69
N ASP D 164 12.59 -5.54 4.75
CA ASP D 164 11.91 -4.41 4.14
C ASP D 164 10.56 -4.04 4.72
N VAL D 165 9.73 -5.06 4.85
CA VAL D 165 8.37 -4.93 5.30
C VAL D 165 8.15 -4.92 6.79
N ILE D 166 8.47 -6.02 7.47
CA ILE D 166 8.23 -6.07 8.91
C ILE D 166 9.10 -5.05 9.61
N ALA D 167 10.34 -4.94 9.15
CA ALA D 167 11.29 -3.98 9.71
C ALA D 167 10.75 -2.55 9.75
N LYS D 168 9.99 -2.14 8.73
CA LYS D 168 9.43 -0.78 8.66
C LYS D 168 8.45 -0.48 9.77
N ASP D 169 7.51 -1.39 9.99
CA ASP D 169 6.53 -1.20 11.06
C ASP D 169 7.23 -1.23 12.40
N LEU D 170 8.22 -2.11 12.52
CA LEU D 170 8.96 -2.27 13.77
C LEU D 170 9.68 -0.96 14.06
N LEU D 171 10.36 -0.43 13.05
CA LEU D 171 11.09 0.83 13.16
C LEU D 171 10.14 2.05 13.26
N SER D 172 8.84 1.82 13.08
CA SER D 172 7.84 2.90 13.17
C SER D 172 7.11 2.83 14.53
N GLY D 173 7.57 1.97 15.43
CA GLY D 173 6.94 1.86 16.74
C GLY D 173 5.67 1.02 16.75
N LYS D 174 5.43 0.28 15.67
CA LYS D 174 4.27 -0.57 15.59
C LYS D 174 4.61 -1.91 16.22
N THR D 175 3.91 -2.34 17.27
CA THR D 175 4.24 -3.66 17.83
C THR D 175 3.72 -4.63 16.78
N VAL D 176 4.58 -5.51 16.24
CA VAL D 176 4.06 -6.43 15.25
C VAL D 176 3.95 -7.88 15.71
N MET D 177 2.81 -8.48 15.43
CA MET D 177 2.55 -9.86 15.78
C MET D 177 2.68 -10.66 14.52
N ILE D 178 3.34 -11.80 14.60
CA ILE D 178 3.50 -12.63 13.40
C ILE D 178 2.93 -14.00 13.70
N ALA D 179 2.10 -14.51 12.78
CA ALA D 179 1.49 -15.81 12.90
C ALA D 179 2.09 -16.65 11.77
N ALA D 180 3.03 -17.51 12.12
CA ALA D 180 3.63 -18.32 11.09
C ALA D 180 3.76 -19.77 11.54
N HIS D 181 4.83 -20.43 11.10
CA HIS D 181 4.98 -21.82 11.40
C HIS D 181 6.33 -22.16 12.02
N GLY D 182 6.42 -23.33 12.63
CA GLY D 182 7.65 -23.79 13.27
C GLY D 182 8.96 -23.40 12.61
N ASN D 183 9.17 -23.85 11.37
CA ASN D 183 10.40 -23.55 10.66
C ASN D 183 10.63 -22.08 10.37
N SER D 184 9.57 -21.36 10.00
CA SER D 184 9.68 -19.93 9.69
C SER D 184 9.97 -19.09 10.92
N LEU D 185 9.36 -19.47 12.05
CA LEU D 185 9.54 -18.74 13.29
C LEU D 185 10.92 -19.01 13.87
N ARG D 186 11.35 -20.26 13.83
CA ARG D 186 12.67 -20.62 14.33
C ARG D 186 13.72 -19.97 13.42
N GLY D 187 13.44 -20.00 12.11
CA GLY D 187 14.33 -19.38 11.15
C GLY D 187 14.52 -17.91 11.47
N LEU D 188 13.48 -17.25 11.97
CA LEU D 188 13.60 -15.84 12.27
C LEU D 188 14.29 -15.63 13.61
N VAL D 189 13.99 -16.48 14.60
CA VAL D 189 14.60 -16.42 15.93
C VAL D 189 16.12 -16.57 15.81
N LYS D 190 16.56 -17.51 14.96
CA LYS D 190 17.98 -17.74 14.71
C LYS D 190 18.70 -16.49 14.20
N HIS D 191 18.03 -15.73 13.35
CA HIS D 191 18.61 -14.51 12.79
C HIS D 191 18.71 -13.43 13.86
N LEU D 192 17.64 -13.32 14.65
CA LEU D 192 17.56 -12.32 15.71
C LEU D 192 18.56 -12.60 16.82
N GLU D 193 18.66 -13.88 17.19
CA GLU D 193 19.54 -14.34 18.27
C GLU D 193 20.91 -14.82 17.78
N GLY D 194 21.07 -14.91 16.45
CA GLY D 194 22.34 -15.34 15.88
C GLY D 194 22.73 -16.77 16.11
N ILE D 195 21.73 -17.62 16.35
CA ILE D 195 21.98 -19.04 16.56
C ILE D 195 22.74 -19.65 15.37
N SER D 196 23.67 -20.54 15.67
CA SER D 196 24.49 -21.17 14.64
C SER D 196 23.72 -22.23 13.83
N ASP D 197 24.27 -22.59 12.68
CA ASP D 197 23.65 -23.59 11.80
C ASP D 197 23.50 -24.95 12.49
N ALA D 198 24.48 -25.28 13.33
CA ALA D 198 24.52 -26.54 14.08
C ALA D 198 23.60 -26.54 15.32
N ASP D 199 23.40 -25.37 15.90
CA ASP D 199 22.55 -25.23 17.07
C ASP D 199 21.06 -25.06 16.75
N ILE D 200 20.73 -24.46 15.61
CA ILE D 200 19.32 -24.21 15.28
C ILE D 200 18.45 -25.47 15.26
N ALA D 201 19.03 -26.59 14.87
CA ALA D 201 18.30 -27.85 14.81
C ALA D 201 17.84 -28.31 16.21
N LYS D 202 18.39 -27.68 17.25
CA LYS D 202 18.06 -27.99 18.63
C LYS D 202 16.82 -27.24 19.11
N LEU D 203 16.67 -26.02 18.64
CA LEU D 203 15.56 -25.14 19.01
C LEU D 203 14.20 -25.57 18.54
N ASN D 204 13.21 -25.26 19.37
CA ASN D 204 11.82 -25.51 19.01
C ASN D 204 10.99 -24.52 19.80
N ILE D 205 9.96 -24.00 19.17
CA ILE D 205 9.08 -23.02 19.77
C ILE D 205 7.75 -23.73 20.00
N PRO D 206 7.26 -23.72 21.26
CA PRO D 206 6.00 -24.36 21.65
C PRO D 206 4.82 -23.83 20.86
N THR D 207 3.93 -24.72 20.42
CA THR D 207 2.76 -24.28 19.69
C THR D 207 1.73 -23.60 20.60
N GLY D 208 1.27 -22.41 20.21
CA GLY D 208 0.24 -21.72 20.99
C GLY D 208 0.69 -20.75 22.07
N ILE D 209 1.99 -20.59 22.28
CA ILE D 209 2.41 -19.66 23.31
C ILE D 209 3.11 -18.48 22.66
N PRO D 210 2.51 -17.28 22.79
CA PRO D 210 3.12 -16.08 22.19
C PRO D 210 4.54 -15.86 22.71
N LEU D 211 5.41 -15.42 21.83
CA LEU D 211 6.81 -15.17 22.17
C LEU D 211 7.10 -13.69 21.92
N VAL D 212 7.47 -12.98 22.97
CA VAL D 212 7.77 -11.57 22.85
C VAL D 212 9.26 -11.33 22.70
N PHE D 213 9.60 -10.37 21.87
CA PHE D 213 10.99 -9.98 21.63
C PHE D 213 11.06 -8.46 21.73
N GLU D 214 11.86 -7.97 22.66
CA GLU D 214 12.06 -6.54 22.81
C GLU D 214 13.28 -6.38 21.91
N LEU D 215 13.23 -5.39 21.01
CA LEU D 215 14.32 -5.16 20.08
C LEU D 215 14.85 -3.74 20.18
N ASP D 216 16.09 -3.54 19.77
CA ASP D 216 16.69 -2.19 19.78
C ASP D 216 16.58 -1.58 18.38
N GLU D 217 17.10 -0.36 18.21
CA GLU D 217 17.06 0.38 16.93
C GLU D 217 17.66 -0.39 15.76
N ASN D 218 18.51 -1.37 16.07
CA ASN D 218 19.13 -2.17 15.04
C ASN D 218 18.43 -3.54 14.96
N LEU D 219 17.26 -3.62 15.60
CA LEU D 219 16.43 -4.83 15.64
C LEU D 219 17.05 -6.06 16.30
N LYS D 220 17.87 -5.83 17.32
CA LYS D 220 18.56 -6.92 18.04
C LYS D 220 17.86 -7.05 19.39
N PRO D 221 17.78 -8.29 19.91
CA PRO D 221 17.11 -8.52 21.21
C PRO D 221 17.78 -7.69 22.28
N SER D 222 17.03 -6.80 22.94
CA SER D 222 17.59 -5.95 24.00
C SER D 222 17.60 -6.67 25.34
N LYS D 223 16.99 -7.85 25.37
CA LYS D 223 16.89 -8.72 26.54
C LYS D 223 16.30 -10.00 25.97
N PRO D 224 16.50 -11.14 26.67
CA PRO D 224 16.01 -12.43 26.22
C PRO D 224 14.54 -12.51 25.87
N SER D 225 14.24 -13.24 24.79
CA SER D 225 12.88 -13.44 24.38
C SER D 225 12.18 -14.22 25.49
N TYR D 226 10.91 -13.92 25.73
CA TYR D 226 10.16 -14.62 26.78
C TYR D 226 8.78 -15.06 26.29
N TYR D 227 8.29 -16.15 26.87
CA TYR D 227 6.98 -16.67 26.52
C TYR D 227 5.99 -16.01 27.48
N LEU D 228 4.73 -15.85 27.05
CA LEU D 228 3.73 -15.21 27.92
C LEU D 228 3.26 -16.13 29.05
N ASP D 229 3.47 -17.42 28.85
CA ASP D 229 3.17 -18.46 29.83
C ASP D 229 4.50 -19.22 29.92
N PRO D 230 5.52 -18.58 30.52
CA PRO D 230 6.87 -19.15 30.68
C PRO D 230 6.84 -20.60 31.16
N GLU D 231 5.98 -20.84 32.16
CA GLU D 231 5.82 -22.17 32.74
C GLU D 231 5.41 -23.21 31.70
N ALA D 232 4.33 -22.96 30.97
CA ALA D 232 3.85 -23.90 29.95
C ALA D 232 4.90 -24.17 28.87
N ALA D 233 5.66 -23.15 28.51
CA ALA D 233 6.72 -23.26 27.50
C ALA D 233 7.93 -24.05 28.01
N ALA D 234 8.33 -23.75 29.25
CA ALA D 234 9.47 -24.38 29.92
C ALA D 234 9.36 -25.90 29.98
N ALA D 235 8.14 -26.43 29.92
CA ALA D 235 7.92 -27.88 29.92
C ALA D 235 8.18 -28.45 28.51
N GLY D 236 9.21 -27.95 27.84
CA GLY D 236 9.57 -28.40 26.51
C GLY D 236 10.86 -29.17 26.54
#